data_2KLW
#
_entry.id   2KLW
#
loop_
_entity.id
_entity.type
_entity.pdbx_description
1 polymer (PKG)10
2 polymer (DOG)10
3 polymer (POG)10
#
loop_
_entity_poly.entity_id
_entity_poly.type
_entity_poly.pdbx_seq_one_letter_code
_entity_poly.pdbx_strand_id
1 'polypeptide(L)' (ACE)PKGPKGPKGPKGPKGPKGPKGPKGPKGPKG(NH2) A
2 'polypeptide(L)' (ACE)D(HYP)GD(HYP)GD(HYP)GD(HYP)GD(HYP)GD(HYP)GD(HYP)GD(HYP)GD(HYP)GD(HYP)G(NH2) B
3 'polypeptide(L)' (ACE)P(HYP)GP(HYP)GP(HYP)GP(HYP)GP(HYP)GP(HYP)GP(HYP)GP(HYP)GP(HYP)GP(HYP)G(NH2) C
#
# COMPACT_ATOMS: atom_id res chain seq x y z
N PRO A 2 22.38 16.78 -37.76
CA PRO A 2 20.92 16.92 -37.59
C PRO A 2 20.40 16.60 -36.18
N LYS A 3 21.25 16.10 -35.26
CA LYS A 3 20.85 15.53 -33.96
C LYS A 3 21.79 15.93 -32.80
N GLY A 4 21.31 15.63 -31.58
CA GLY A 4 21.97 15.83 -30.28
C GLY A 4 21.56 14.76 -29.26
N PRO A 5 22.02 14.84 -28.00
CA PRO A 5 21.87 13.79 -26.99
C PRO A 5 20.41 13.55 -26.55
N LYS A 6 19.98 12.27 -26.58
CA LYS A 6 18.70 11.79 -26.04
C LYS A 6 18.53 12.11 -24.55
N GLY A 7 17.31 12.41 -24.13
CA GLY A 7 16.99 12.80 -22.74
C GLY A 7 17.06 11.65 -21.72
N PRO A 8 17.18 11.97 -20.41
CA PRO A 8 17.32 10.99 -19.33
C PRO A 8 16.00 10.31 -18.93
N LYS A 9 16.11 9.12 -18.32
CA LYS A 9 14.99 8.36 -17.73
C LYS A 9 14.31 9.13 -16.58
N GLY A 10 12.97 9.02 -16.49
CA GLY A 10 12.18 9.61 -15.41
C GLY A 10 12.27 8.88 -14.05
N PRO A 11 11.87 9.51 -12.94
CA PRO A 11 11.99 8.96 -11.59
C PRO A 11 10.95 7.87 -11.27
N LYS A 12 11.26 7.00 -10.30
CA LYS A 12 10.34 6.01 -9.73
C LYS A 12 9.07 6.67 -9.15
N GLY A 13 7.92 6.02 -9.32
CA GLY A 13 6.61 6.50 -8.84
C GLY A 13 6.42 6.45 -7.31
N PRO A 14 5.33 7.05 -6.79
CA PRO A 14 5.06 7.13 -5.35
C PRO A 14 4.51 5.82 -4.76
N LYS A 15 4.80 5.59 -3.47
CA LYS A 15 4.29 4.45 -2.69
C LYS A 15 2.76 4.40 -2.68
N GLY A 16 2.18 3.19 -2.79
CA GLY A 16 0.73 2.97 -2.75
C GLY A 16 0.10 3.19 -1.37
N PRO A 17 -1.24 3.40 -1.29
CA PRO A 17 -1.93 3.67 -0.04
C PRO A 17 -2.14 2.39 0.81
N LYS A 18 -2.21 2.55 2.13
CA LYS A 18 -2.43 1.48 3.12
C LYS A 18 -3.78 0.75 2.91
N GLY A 19 -3.83 -0.54 3.25
CA GLY A 19 -5.03 -1.37 3.15
C GLY A 19 -6.10 -1.11 4.23
N PRO A 20 -7.33 -1.61 4.07
CA PRO A 20 -8.44 -1.43 5.01
C PRO A 20 -8.37 -2.36 6.22
N LYS A 21 -9.02 -1.98 7.32
CA LYS A 21 -9.10 -2.78 8.57
C LYS A 21 -9.72 -4.17 8.34
N GLY A 22 -9.20 -5.19 9.01
CA GLY A 22 -9.75 -6.55 9.00
C GLY A 22 -11.10 -6.73 9.74
N PRO A 23 -11.80 -7.86 9.53
CA PRO A 23 -13.09 -8.14 10.16
C PRO A 23 -12.97 -8.58 11.63
N LYS A 24 -14.07 -8.43 12.39
CA LYS A 24 -14.20 -8.88 13.79
C LYS A 24 -13.94 -10.39 13.96
N GLY A 25 -13.32 -10.78 15.07
CA GLY A 25 -13.02 -12.18 15.41
C GLY A 25 -14.23 -13.00 15.91
N PRO A 26 -14.09 -14.34 16.00
CA PRO A 26 -15.17 -15.25 16.40
C PRO A 26 -15.46 -15.23 17.92
N LYS A 27 -16.68 -15.63 18.31
CA LYS A 27 -17.10 -15.79 19.71
C LYS A 27 -16.22 -16.83 20.44
N GLY A 28 -15.89 -16.56 21.70
CA GLY A 28 -14.92 -17.34 22.48
C GLY A 28 -15.32 -18.79 22.79
N PRO A 29 -14.35 -19.66 23.15
CA PRO A 29 -14.57 -21.09 23.39
C PRO A 29 -15.35 -21.39 24.67
N LYS A 30 -16.00 -22.57 24.71
CA LYS A 30 -16.77 -23.09 25.85
C LYS A 30 -16.81 -24.63 25.90
N GLY A 31 -17.24 -25.18 27.04
CA GLY A 31 -17.54 -26.61 27.22
C GLY A 31 -16.33 -27.52 27.53
N ASP B 2 18.39 19.93 -34.29
CA ASP B 2 19.59 19.94 -33.43
C ASP B 2 19.38 19.30 -32.03
N GLY B 4 18.04 16.37 -29.23
CA GLY B 4 17.85 14.91 -29.19
C GLY B 4 16.42 14.47 -28.84
N ASP B 5 16.21 13.15 -28.89
CA ASP B 5 14.93 12.49 -28.63
C ASP B 5 14.53 12.51 -27.13
N GLY B 7 13.45 11.17 -23.33
CA GLY B 7 13.84 10.09 -22.41
C GLY B 7 12.70 9.14 -22.03
N ASP B 8 13.07 8.00 -21.42
CA ASP B 8 12.15 6.90 -21.09
C ASP B 8 11.36 7.09 -19.77
N GLY B 10 9.74 6.38 -15.98
CA GLY B 10 10.17 5.81 -14.69
C GLY B 10 9.41 4.53 -14.29
N ASP B 11 9.96 3.80 -13.32
CA ASP B 11 9.42 2.52 -12.82
C ASP B 11 8.29 2.71 -11.78
N GLY B 13 5.87 2.71 -8.40
CA GLY B 13 6.02 2.84 -6.94
C GLY B 13 5.88 1.53 -6.17
N ASP B 14 6.38 1.52 -4.94
CA ASP B 14 6.28 0.37 -4.02
C ASP B 14 4.83 0.16 -3.51
N GLY B 16 1.51 -0.39 -1.02
CA GLY B 16 1.05 0.02 0.31
C GLY B 16 1.15 -1.09 1.35
N ASP B 17 1.17 -0.71 2.62
CA ASP B 17 1.26 -1.62 3.76
C ASP B 17 -0.09 -2.30 4.09
N GLY B 19 -3.49 -3.45 6.06
CA GLY B 19 -4.42 -2.83 7.00
C GLY B 19 -4.28 -3.32 8.45
N ASP B 20 -4.92 -2.62 9.40
CA ASP B 20 -4.91 -2.98 10.81
C ASP B 20 -5.73 -4.25 11.14
N GLY B 22 -8.51 -6.66 12.86
CA GLY B 22 -9.88 -6.51 13.31
C GLY B 22 -10.10 -6.56 14.83
N ASP B 23 -11.32 -6.20 15.24
CA ASP B 23 -11.75 -6.14 16.63
C ASP B 23 -11.86 -7.55 17.27
N GLY B 25 -13.38 -10.78 19.23
CA GLY B 25 -14.69 -11.42 19.34
C GLY B 25 -15.34 -11.27 20.73
N ASP B 26 -16.64 -11.56 20.82
CA ASP B 26 -17.38 -11.57 22.09
C ASP B 26 -17.02 -12.79 22.97
N GLY B 28 -17.04 -16.24 25.23
CA GLY B 28 -17.77 -17.51 25.33
C GLY B 28 -18.85 -17.47 26.42
N ASP B 29 -19.82 -18.38 26.33
CA ASP B 29 -20.97 -18.43 27.24
C ASP B 29 -20.56 -18.84 28.67
N GLY B 31 -19.68 -20.13 32.49
CA GLY B 31 -19.66 -21.46 33.12
C GLY B 31 -18.61 -21.63 34.22
N PRO C 2 20.67 21.31 -27.01
CA PRO C 2 20.94 20.00 -27.59
C PRO C 2 20.32 18.79 -26.85
N GLY C 4 17.62 16.35 -25.47
CA GLY C 4 16.18 16.01 -25.48
C GLY C 4 15.56 16.04 -24.08
N PRO C 5 14.22 16.11 -23.97
CA PRO C 5 13.54 16.27 -22.69
C PRO C 5 13.59 14.99 -21.82
N GLY C 7 12.17 11.87 -19.52
CA GLY C 7 10.99 11.03 -19.51
C GLY C 7 10.07 11.27 -18.28
N PRO C 8 8.80 10.82 -18.33
CA PRO C 8 7.83 11.05 -17.26
C PRO C 8 8.08 10.18 -16.01
N GLY C 10 7.24 7.39 -13.09
CA GLY C 10 6.50 6.12 -13.03
C GLY C 10 5.17 6.22 -12.26
N PRO C 11 4.27 5.23 -12.42
CA PRO C 11 2.93 5.25 -11.81
C PRO C 11 2.95 4.93 -10.29
N GLY C 13 2.28 2.88 -6.78
CA GLY C 13 2.16 1.48 -6.34
C GLY C 13 0.72 1.08 -5.99
N PRO C 14 0.41 -0.23 -5.90
CA PRO C 14 -0.94 -0.72 -5.62
C PRO C 14 -1.35 -0.50 -4.14
N GLY C 16 -2.48 -1.50 -0.37
CA GLY C 16 -2.17 -2.60 0.56
C GLY C 16 -3.35 -3.56 0.77
N PRO C 17 -3.10 -4.81 1.23
CA PRO C 17 -4.15 -5.81 1.44
C PRO C 17 -4.99 -5.54 2.71
N GLY C 19 -6.36 -5.98 6.41
CA GLY C 19 -5.76 -6.43 7.66
C GLY C 19 -6.27 -7.81 8.14
N PRO C 20 -5.55 -8.48 9.05
CA PRO C 20 -5.98 -9.76 9.60
C PRO C 20 -7.32 -9.75 10.37
N GLY C 22 -9.73 -10.24 13.52
CA GLY C 22 -9.49 -10.00 14.95
C GLY C 22 -9.34 -11.29 15.77
N PRO C 23 -8.76 -11.21 16.99
CA PRO C 23 -8.65 -12.36 17.89
C PRO C 23 -10.00 -12.97 18.34
N GLY C 25 -12.78 -14.24 21.02
CA GLY C 25 -13.18 -13.77 22.34
C GLY C 25 -12.63 -14.61 23.50
N PRO C 26 -12.63 -14.10 24.75
CA PRO C 26 -12.17 -14.82 25.93
C PRO C 26 -13.07 -16.03 26.27
N GLY C 28 -15.59 -18.86 27.92
CA GLY C 28 -16.73 -19.00 28.84
C GLY C 28 -16.36 -19.58 30.21
N PRO C 29 -15.61 -20.71 30.27
CA PRO C 29 -15.00 -21.24 31.51
C PRO C 29 -14.09 -20.23 32.24
N GLY C 31 -10.62 -19.16 34.34
CA GLY C 31 -9.19 -19.50 34.25
C GLY C 31 -8.28 -18.26 34.19
N PRO A 2 26.06 14.95 -35.76
CA PRO A 2 26.93 14.72 -34.60
C PRO A 2 26.28 13.99 -33.40
N LYS A 3 24.95 13.82 -33.40
CA LYS A 3 24.14 13.20 -32.33
C LYS A 3 24.43 13.79 -30.95
N GLY A 4 23.95 15.01 -30.73
CA GLY A 4 24.08 15.77 -29.49
C GLY A 4 23.51 15.09 -28.23
N PRO A 5 23.82 15.64 -27.03
CA PRO A 5 23.59 14.99 -25.74
C PRO A 5 22.09 14.77 -25.42
N LYS A 6 21.63 13.52 -25.55
CA LYS A 6 20.31 13.04 -25.11
C LYS A 6 20.09 13.29 -23.61
N GLY A 7 18.85 13.63 -23.23
CA GLY A 7 18.47 13.92 -21.85
C GLY A 7 18.49 12.68 -20.92
N PRO A 8 18.64 12.87 -19.59
CA PRO A 8 18.71 11.78 -18.61
C PRO A 8 17.34 11.16 -18.28
N LYS A 9 17.37 9.91 -17.78
CA LYS A 9 16.20 9.18 -17.26
C LYS A 9 15.58 9.89 -16.03
N GLY A 10 14.25 9.87 -15.93
CA GLY A 10 13.51 10.44 -14.80
C GLY A 10 13.61 9.61 -13.50
N PRO A 11 13.28 10.21 -12.33
CA PRO A 11 13.39 9.56 -11.02
C PRO A 11 12.30 8.52 -10.76
N LYS A 12 12.57 7.59 -9.83
CA LYS A 12 11.59 6.62 -9.32
C LYS A 12 10.35 7.32 -8.74
N GLY A 13 9.16 6.76 -8.99
CA GLY A 13 7.87 7.27 -8.48
C GLY A 13 7.68 7.18 -6.95
N PRO A 14 6.65 7.85 -6.40
CA PRO A 14 6.39 7.91 -4.96
C PRO A 14 5.82 6.59 -4.40
N LYS A 15 6.10 6.32 -3.12
CA LYS A 15 5.58 5.16 -2.36
C LYS A 15 4.04 5.12 -2.37
N GLY A 16 3.48 3.92 -2.51
CA GLY A 16 2.02 3.70 -2.57
C GLY A 16 1.27 4.04 -1.27
N PRO A 17 -0.06 4.21 -1.32
CA PRO A 17 -0.90 4.54 -0.15
C PRO A 17 -1.10 3.33 0.78
N LYS A 18 -1.29 3.61 2.08
CA LYS A 18 -1.50 2.60 3.14
C LYS A 18 -2.76 1.73 2.90
N GLY A 19 -2.70 0.46 3.29
CA GLY A 19 -3.82 -0.50 3.17
C GLY A 19 -4.95 -0.32 4.21
N PRO A 20 -6.10 -0.99 4.01
CA PRO A 20 -7.28 -0.87 4.89
C PRO A 20 -7.15 -1.68 6.20
N LYS A 21 -7.83 -1.22 7.25
CA LYS A 21 -7.91 -1.89 8.57
C LYS A 21 -8.49 -3.31 8.47
N GLY A 22 -7.97 -4.24 9.29
CA GLY A 22 -8.42 -5.63 9.35
C GLY A 22 -9.76 -5.84 10.10
N PRO A 23 -10.41 -7.03 9.94
CA PRO A 23 -11.70 -7.32 10.55
C PRO A 23 -11.61 -7.71 12.03
N LYS A 24 -12.68 -7.48 12.79
CA LYS A 24 -12.83 -7.85 14.21
C LYS A 24 -12.62 -9.35 14.45
N GLY A 25 -12.00 -9.70 15.59
CA GLY A 25 -11.73 -11.08 16.00
C GLY A 25 -12.95 -11.88 16.49
N PRO A 26 -12.82 -13.21 16.64
CA PRO A 26 -13.93 -14.10 17.05
C PRO A 26 -14.23 -14.05 18.55
N LYS A 27 -15.45 -14.43 18.93
CA LYS A 27 -15.91 -14.52 20.33
C LYS A 27 -15.00 -15.42 21.20
N GLY A 28 -14.75 -15.00 22.44
CA GLY A 28 -13.87 -15.71 23.38
C GLY A 28 -14.45 -17.05 23.90
N PRO A 29 -13.60 -17.92 24.49
CA PRO A 29 -14.02 -19.21 25.04
C PRO A 29 -14.76 -19.05 26.39
N LYS A 30 -15.72 -19.94 26.68
CA LYS A 30 -16.56 -19.89 27.89
C LYS A 30 -15.83 -20.27 29.20
N GLY A 31 -14.67 -20.91 29.11
CA GLY A 31 -13.84 -21.30 30.27
C GLY A 31 -12.77 -22.36 29.99
N ASP B 2 24.33 20.06 -32.51
CA ASP B 2 22.87 19.85 -32.56
C ASP B 2 22.26 19.58 -31.17
N GLY B 4 20.18 17.48 -28.48
CA GLY B 4 19.89 16.07 -28.27
C GLY B 4 18.41 15.76 -27.98
N ASP B 5 18.06 14.47 -28.07
CA ASP B 5 16.69 13.97 -27.87
C ASP B 5 16.24 13.98 -26.39
N GLY B 7 14.87 12.55 -22.67
CA GLY B 7 15.19 11.42 -21.79
C GLY B 7 13.98 10.52 -21.46
N ASP B 8 14.27 9.32 -20.96
CA ASP B 8 13.29 8.26 -20.70
C ASP B 8 12.52 8.40 -19.36
N GLY B 10 10.85 7.47 -15.60
CA GLY B 10 11.26 6.75 -14.39
C GLY B 10 10.42 5.49 -14.07
N ASP B 11 10.95 4.62 -13.21
CA ASP B 11 10.31 3.38 -12.76
C ASP B 11 9.30 3.57 -11.60
N GLY B 13 7.04 3.50 -8.03
CA GLY B 13 7.19 3.47 -6.57
C GLY B 13 7.02 2.09 -5.92
N ASP B 14 7.52 1.96 -4.68
CA ASP B 14 7.34 0.77 -3.84
C ASP B 14 5.90 0.66 -3.29
N GLY B 16 2.61 0.40 -0.80
CA GLY B 16 2.20 1.04 0.46
C GLY B 16 2.33 0.14 1.69
N ASP B 17 2.30 0.77 2.88
CA ASP B 17 2.40 0.08 4.16
C ASP B 17 1.12 -0.73 4.50
N GLY B 19 -2.26 -2.13 6.38
CA GLY B 19 -3.32 -1.62 7.24
C GLY B 19 -3.19 -2.06 8.71
N ASP B 20 -3.89 -1.39 9.62
CA ASP B 20 -3.88 -1.69 11.05
C ASP B 20 -4.63 -3.00 11.40
N GLY B 22 -7.27 -5.59 13.13
CA GLY B 22 -8.65 -5.52 13.61
C GLY B 22 -8.78 -5.55 15.15
N ASP B 23 -9.93 -5.14 15.66
CA ASP B 23 -10.23 -5.11 17.10
C ASP B 23 -10.42 -6.52 17.70
N GLY B 25 -12.17 -9.71 19.61
CA GLY B 25 -13.53 -10.24 19.77
C GLY B 25 -14.13 -9.92 21.16
N ASP B 26 -15.45 -10.11 21.30
CA ASP B 26 -16.15 -9.98 22.58
C ASP B 26 -15.88 -11.18 23.52
N GLY B 28 -16.23 -14.51 26.04
CA GLY B 28 -17.08 -15.69 26.21
C GLY B 28 -18.22 -15.46 27.23
N ASP B 29 -19.23 -16.33 27.23
CA ASP B 29 -20.30 -16.34 28.23
C ASP B 29 -19.77 -16.72 29.63
N GLY B 31 -18.49 -18.25 33.09
CA GLY B 31 -17.94 -19.58 33.44
C GLY B 31 -16.58 -19.56 34.16
N PRO C 2 22.80 22.52 -25.95
CA PRO C 2 22.68 21.21 -26.60
C PRO C 2 21.94 20.09 -25.83
N GLY C 4 19.30 17.65 -24.39
CA GLY C 4 17.87 17.35 -24.45
C GLY C 4 17.21 17.32 -23.06
N PRO C 5 15.88 17.46 -22.96
CA PRO C 5 15.19 17.57 -21.67
C PRO C 5 15.16 16.23 -20.90
N GLY C 7 13.57 13.03 -18.77
CA GLY C 7 12.31 12.27 -18.77
C GLY C 7 11.49 12.47 -17.48
N PRO C 8 10.19 12.12 -17.50
CA PRO C 8 9.27 12.36 -16.38
C PRO C 8 9.48 11.35 -15.21
N GLY C 10 8.52 8.35 -12.52
CA GLY C 10 7.73 7.12 -12.60
C GLY C 10 6.37 7.18 -11.88
N PRO C 11 5.45 6.23 -12.15
CA PRO C 11 4.13 6.22 -11.51
C PRO C 11 4.18 5.88 -10.00
N GLY C 13 3.53 3.84 -6.48
CA GLY C 13 3.47 2.43 -6.08
C GLY C 13 2.03 1.93 -5.81
N PRO C 14 1.78 0.61 -5.86
CA PRO C 14 0.45 0.06 -5.58
C PRO C 14 0.02 0.24 -4.10
N GLY C 16 -1.08 -0.61 -0.24
CA GLY C 16 -0.64 -1.59 0.76
C GLY C 16 -1.68 -2.69 1.07
N PRO C 17 -1.26 -3.81 1.69
CA PRO C 17 -2.13 -4.94 2.00
C PRO C 17 -3.08 -4.66 3.19
N GLY C 19 -4.84 -5.01 6.89
CA GLY C 19 -4.45 -5.43 8.24
C GLY C 19 -4.99 -6.83 8.59
N PRO C 20 -4.36 -7.54 9.55
CA PRO C 20 -4.78 -8.88 9.95
C PRO C 20 -6.08 -8.87 10.79
N GLY C 22 -8.40 -9.33 14.06
CA GLY C 22 -8.20 -9.17 15.50
C GLY C 22 -8.11 -10.50 16.27
N PRO C 23 -7.60 -10.50 17.51
CA PRO C 23 -7.46 -11.71 18.32
C PRO C 23 -8.81 -12.22 18.85
N GLY C 25 -11.61 -13.04 21.58
CA GLY C 25 -12.03 -12.31 22.78
C GLY C 25 -11.57 -12.96 24.10
N PRO C 26 -11.59 -12.21 25.22
CA PRO C 26 -11.22 -12.74 26.53
C PRO C 26 -12.11 -13.90 27.04
N GLY C 28 -14.47 -16.50 29.47
CA GLY C 28 -15.76 -16.31 30.13
C GLY C 28 -15.60 -15.86 31.59
N PRO C 29 -16.19 -14.72 31.99
CA PRO C 29 -16.00 -14.11 33.32
C PRO C 29 -16.70 -14.91 34.44
N GLY C 31 -19.05 -13.75 36.27
CA GLY C 31 -20.45 -13.28 36.18
C GLY C 31 -20.61 -12.06 35.28
N PRO A 2 24.95 21.16 -33.55
CA PRO A 2 24.46 20.73 -32.24
C PRO A 2 24.66 19.23 -32.00
N LYS A 3 24.46 18.80 -30.74
CA LYS A 3 24.65 17.42 -30.26
C LYS A 3 23.44 16.89 -29.46
N GLY A 4 22.61 17.79 -28.90
CA GLY A 4 21.31 17.51 -28.28
C GLY A 4 21.24 16.28 -27.33
N PRO A 5 22.08 16.20 -26.28
CA PRO A 5 22.10 15.05 -25.37
C PRO A 5 20.81 14.90 -24.54
N LYS A 6 20.31 13.66 -24.41
CA LYS A 6 19.08 13.33 -23.68
C LYS A 6 19.16 13.68 -22.19
N GLY A 7 18.06 14.15 -21.62
CA GLY A 7 17.90 14.38 -20.17
C GLY A 7 17.85 13.09 -19.32
N PRO A 8 18.04 13.20 -17.99
CA PRO A 8 18.09 12.05 -17.08
C PRO A 8 16.72 11.48 -16.71
N LYS A 9 16.69 10.21 -16.28
CA LYS A 9 15.52 9.51 -15.74
C LYS A 9 14.95 10.22 -14.49
N GLY A 10 13.62 10.26 -14.37
CA GLY A 10 12.91 10.90 -13.25
C GLY A 10 13.01 10.18 -11.91
N PRO A 11 12.59 10.81 -10.79
CA PRO A 11 12.69 10.26 -9.43
C PRO A 11 11.68 9.14 -9.16
N LYS A 12 12.04 8.22 -8.26
CA LYS A 12 11.19 7.12 -7.77
C LYS A 12 9.91 7.64 -7.08
N GLY A 13 8.78 6.96 -7.30
CA GLY A 13 7.46 7.37 -6.81
C GLY A 13 7.25 7.20 -5.29
N PRO A 14 6.20 7.82 -4.73
CA PRO A 14 5.91 7.79 -3.29
C PRO A 14 5.31 6.45 -2.82
N LYS A 15 5.56 6.11 -1.55
CA LYS A 15 4.98 4.93 -0.87
C LYS A 15 3.43 5.01 -0.86
N GLY A 16 2.78 3.87 -1.08
CA GLY A 16 1.31 3.77 -1.11
C GLY A 16 0.61 4.01 0.25
N PRO A 17 -0.71 4.23 0.26
CA PRO A 17 -1.48 4.49 1.47
C PRO A 17 -1.72 3.22 2.31
N LYS A 18 -1.81 3.37 3.64
CA LYS A 18 -2.04 2.28 4.61
C LYS A 18 -3.38 1.57 4.40
N GLY A 19 -3.43 0.27 4.72
CA GLY A 19 -4.63 -0.57 4.61
C GLY A 19 -5.70 -0.35 5.71
N PRO A 20 -6.93 -0.89 5.54
CA PRO A 20 -8.03 -0.74 6.48
C PRO A 20 -7.92 -1.67 7.71
N LYS A 21 -8.60 -1.30 8.81
CA LYS A 21 -8.66 -2.09 10.07
C LYS A 21 -9.30 -3.47 9.85
N GLY A 22 -8.82 -4.49 10.59
CA GLY A 22 -9.42 -5.83 10.63
C GLY A 22 -10.71 -5.95 11.47
N PRO A 23 -11.44 -7.08 11.37
CA PRO A 23 -12.70 -7.32 12.09
C PRO A 23 -12.51 -7.74 13.56
N LYS A 24 -13.55 -7.55 14.38
CA LYS A 24 -13.61 -7.93 15.81
C LYS A 24 -13.34 -9.44 16.04
N GLY A 25 -12.66 -9.75 17.16
CA GLY A 25 -12.32 -11.14 17.56
C GLY A 25 -13.46 -11.94 18.20
N PRO A 26 -13.25 -13.26 18.44
CA PRO A 26 -14.26 -14.17 18.98
C PRO A 26 -14.47 -14.03 20.50
N LYS A 27 -15.61 -14.51 21.01
CA LYS A 27 -15.95 -14.51 22.45
C LYS A 27 -14.90 -15.27 23.28
N GLY A 28 -14.56 -14.74 24.47
CA GLY A 28 -13.57 -15.32 25.38
C GLY A 28 -13.98 -16.69 25.96
N PRO A 29 -13.02 -17.45 26.53
CA PRO A 29 -13.27 -18.79 27.07
C PRO A 29 -14.22 -18.77 28.28
N LYS A 30 -15.17 -19.70 28.31
CA LYS A 30 -16.29 -19.79 29.28
C LYS A 30 -15.91 -20.44 30.62
N GLY A 31 -14.63 -20.75 30.84
CA GLY A 31 -14.11 -21.36 32.07
C GLY A 31 -12.59 -21.25 32.20
N ASP B 2 22.06 23.63 -26.15
CA ASP B 2 21.74 22.50 -27.04
C ASP B 2 20.26 22.09 -26.90
N GLY B 4 18.51 19.36 -26.53
CA GLY B 4 18.40 17.96 -26.10
C GLY B 4 16.99 17.53 -25.65
N ASP B 5 16.72 16.23 -25.82
CA ASP B 5 15.41 15.60 -25.62
C ASP B 5 15.10 15.26 -24.15
N GLY B 7 14.09 13.22 -20.64
CA GLY B 7 14.40 11.92 -20.02
C GLY B 7 13.16 11.03 -19.77
N ASP B 8 13.43 9.79 -19.36
CA ASP B 8 12.43 8.73 -19.12
C ASP B 8 11.73 8.82 -17.75
N GLY B 10 10.38 7.94 -13.94
CA GLY B 10 10.88 7.30 -12.72
C GLY B 10 10.21 5.97 -12.38
N ASP B 11 10.82 5.19 -11.48
CA ASP B 11 10.35 3.88 -11.06
C ASP B 11 9.17 3.93 -10.05
N GLY B 13 6.66 3.57 -6.77
CA GLY B 13 6.78 3.58 -5.31
C GLY B 13 6.45 2.23 -4.65
N ASP B 14 6.84 2.06 -3.39
CA ASP B 14 6.62 0.85 -2.60
C ASP B 14 5.17 0.72 -2.08
N GLY B 16 1.86 0.37 0.38
CA GLY B 16 1.44 0.80 1.71
C GLY B 16 1.52 -0.33 2.75
N ASP B 17 1.55 0.06 4.02
CA ASP B 17 1.68 -0.86 5.15
C ASP B 17 0.34 -1.54 5.52
N GLY B 19 -3.01 -2.67 7.48
CA GLY B 19 -3.94 -2.03 8.40
C GLY B 19 -3.84 -2.54 9.86
N ASP B 20 -4.45 -1.81 10.80
CA ASP B 20 -4.44 -2.16 12.21
C ASP B 20 -5.24 -3.43 12.55
N GLY B 22 -7.92 -5.90 14.39
CA GLY B 22 -9.27 -5.76 14.92
C GLY B 22 -9.38 -5.67 16.44
N ASP B 23 -10.55 -5.23 16.91
CA ASP B 23 -10.87 -5.09 18.33
C ASP B 23 -10.99 -6.45 19.05
N GLY B 25 -12.58 -9.51 21.22
CA GLY B 25 -13.92 -10.08 21.43
C GLY B 25 -14.54 -9.73 22.79
N ASP B 26 -15.82 -10.08 22.99
CA ASP B 26 -16.51 -9.95 24.28
C ASP B 26 -16.08 -11.03 25.29
N GLY B 28 -15.90 -14.13 28.19
CA GLY B 28 -16.59 -15.39 28.54
C GLY B 28 -17.76 -15.17 29.51
N ASP B 29 -18.70 -16.12 29.55
CA ASP B 29 -20.04 -15.88 30.12
C ASP B 29 -20.11 -15.75 31.66
N GLY B 31 -18.53 -15.06 35.71
CA GLY B 31 -17.53 -14.17 36.33
C GLY B 31 -17.90 -13.66 37.73
N PRO C 2 23.99 21.89 -22.23
CA PRO C 2 23.42 21.03 -21.20
C PRO C 2 22.49 19.93 -21.77
N GLY C 4 18.86 17.75 -22.17
CA GLY C 4 17.41 17.97 -22.09
C GLY C 4 16.84 17.84 -20.65
N PRO C 5 15.54 18.11 -20.44
CA PRO C 5 14.95 18.13 -19.11
C PRO C 5 14.82 16.72 -18.48
N GLY C 7 13.04 13.43 -16.85
CA GLY C 7 11.75 12.74 -17.05
C GLY C 7 10.77 12.89 -15.87
N PRO C 8 9.48 12.56 -16.07
CA PRO C 8 8.46 12.67 -15.03
C PRO C 8 8.71 11.71 -13.82
N GLY C 10 7.98 8.76 -10.98
CA GLY C 10 7.31 7.44 -10.97
C GLY C 10 5.95 7.46 -10.24
N PRO C 11 5.08 6.46 -10.50
CA PRO C 11 3.74 6.40 -9.92
C PRO C 11 3.74 6.02 -8.43
N GLY C 13 2.92 3.81 -5.09
CA GLY C 13 2.71 2.39 -4.76
C GLY C 13 1.24 2.06 -4.43
N PRO C 14 0.85 0.77 -4.45
CA PRO C 14 -0.52 0.35 -4.19
C PRO C 14 -0.93 0.48 -2.71
N GLY C 16 -2.02 -0.65 1.05
CA GLY C 16 -1.68 -1.77 1.92
C GLY C 16 -2.86 -2.73 2.19
N PRO C 17 -2.58 -3.97 2.64
CA PRO C 17 -3.62 -4.98 2.88
C PRO C 17 -4.44 -4.73 4.17
N GLY C 19 -5.88 -5.22 7.93
CA GLY C 19 -5.38 -5.74 9.20
C GLY C 19 -6.03 -7.09 9.58
N PRO C 20 -5.40 -7.86 10.48
CA PRO C 20 -5.89 -9.18 10.89
C PRO C 20 -7.12 -9.11 11.83
N GLY C 22 -9.21 -9.43 15.26
CA GLY C 22 -8.88 -9.15 16.66
C GLY C 22 -8.72 -10.41 17.52
N PRO C 23 -8.13 -10.28 18.73
CA PRO C 23 -7.89 -11.40 19.63
C PRO C 23 -9.18 -11.91 20.30
N GLY C 25 -11.78 -12.52 23.27
CA GLY C 25 -12.17 -11.71 24.42
C GLY C 25 -11.59 -12.21 25.76
N PRO C 26 -11.70 -11.42 26.85
CA PRO C 26 -11.19 -11.81 28.16
C PRO C 26 -11.89 -13.07 28.76
N GLY C 28 -13.96 -15.74 31.03
CA GLY C 28 -15.03 -15.87 32.03
C GLY C 28 -14.68 -16.85 33.18
N PRO C 29 -14.20 -16.40 34.36
CA PRO C 29 -14.02 -17.26 35.53
C PRO C 29 -15.31 -18.02 35.91
N GLY C 31 -16.41 -19.30 38.68
CA GLY C 31 -16.85 -19.01 40.04
C GLY C 31 -16.62 -17.57 40.49
N PRO A 2 24.15 11.04 -36.53
CA PRO A 2 23.22 12.12 -36.19
C PRO A 2 23.08 12.40 -34.68
N LYS A 3 22.70 13.66 -34.36
CA LYS A 3 22.42 14.24 -33.03
C LYS A 3 23.59 14.25 -32.02
N GLY A 4 23.47 15.15 -31.04
CA GLY A 4 24.13 15.06 -29.73
C GLY A 4 23.44 14.07 -28.77
N PRO A 5 23.87 13.98 -27.51
CA PRO A 5 23.38 12.96 -26.57
C PRO A 5 21.89 13.12 -26.20
N LYS A 6 21.19 11.98 -26.11
CA LYS A 6 19.81 11.87 -25.60
C LYS A 6 19.74 12.27 -24.12
N GLY A 7 18.62 12.85 -23.69
CA GLY A 7 18.36 13.24 -22.30
C GLY A 7 18.26 12.04 -21.33
N PRO A 8 18.50 12.25 -20.02
CA PRO A 8 18.52 11.17 -19.02
C PRO A 8 17.13 10.66 -18.63
N LYS A 9 17.06 9.42 -18.17
CA LYS A 9 15.85 8.79 -17.62
C LYS A 9 15.31 9.56 -16.40
N GLY A 10 13.98 9.63 -16.25
CA GLY A 10 13.32 10.23 -15.09
C GLY A 10 13.47 9.44 -13.78
N PRO A 11 13.17 10.06 -12.61
CA PRO A 11 13.30 9.43 -11.29
C PRO A 11 12.16 8.44 -10.98
N LYS A 12 12.41 7.52 -10.05
CA LYS A 12 11.42 6.55 -9.55
C LYS A 12 10.17 7.25 -8.98
N GLY A 13 8.98 6.67 -9.23
CA GLY A 13 7.70 7.19 -8.74
C GLY A 13 7.50 7.10 -7.21
N PRO A 14 6.44 7.75 -6.67
CA PRO A 14 6.15 7.79 -5.24
C PRO A 14 5.59 6.47 -4.70
N LYS A 15 5.88 6.17 -3.43
CA LYS A 15 5.34 5.02 -2.68
C LYS A 15 3.79 5.07 -2.65
N GLY A 16 3.14 3.91 -2.81
CA GLY A 16 1.68 3.79 -2.84
C GLY A 16 0.99 4.11 -1.49
N PRO A 17 -0.35 4.32 -1.49
CA PRO A 17 -1.12 4.63 -0.28
C PRO A 17 -1.35 3.40 0.60
N LYS A 18 -1.53 3.62 1.90
CA LYS A 18 -1.75 2.58 2.94
C LYS A 18 -3.01 1.73 2.68
N GLY A 19 -2.98 0.46 3.09
CA GLY A 19 -4.10 -0.48 2.94
C GLY A 19 -5.24 -0.33 3.99
N PRO A 20 -6.38 -1.01 3.79
CA PRO A 20 -7.56 -0.95 4.68
C PRO A 20 -7.41 -1.82 5.94
N LYS A 21 -8.15 -1.49 7.01
CA LYS A 21 -8.17 -2.24 8.29
C LYS A 21 -8.55 -3.72 8.10
N GLY A 22 -7.94 -4.61 8.87
CA GLY A 22 -8.27 -6.04 8.90
C GLY A 22 -9.61 -6.39 9.58
N PRO A 23 -10.12 -7.62 9.39
CA PRO A 23 -11.40 -8.09 9.96
C PRO A 23 -11.29 -8.45 11.45
N LYS A 24 -12.44 -8.47 12.15
CA LYS A 24 -12.55 -8.89 13.56
C LYS A 24 -11.96 -10.28 13.82
N GLY A 25 -11.31 -10.46 14.97
CA GLY A 25 -10.79 -11.75 15.44
C GLY A 25 -11.87 -12.78 15.86
N PRO A 26 -11.49 -14.06 16.07
CA PRO A 26 -12.42 -15.14 16.39
C PRO A 26 -12.85 -15.15 17.86
N LYS A 27 -14.01 -15.79 18.14
CA LYS A 27 -14.54 -15.97 19.50
C LYS A 27 -13.53 -16.69 20.43
N GLY A 28 -13.45 -16.25 21.69
CA GLY A 28 -12.51 -16.76 22.68
C GLY A 28 -12.76 -18.22 23.13
N PRO A 29 -11.74 -18.89 23.73
CA PRO A 29 -11.84 -20.27 24.17
C PRO A 29 -12.71 -20.43 25.42
N LYS A 30 -13.59 -21.44 25.45
CA LYS A 30 -14.55 -21.72 26.54
C LYS A 30 -13.91 -22.08 27.89
N GLY A 31 -12.66 -22.55 27.88
CA GLY A 31 -11.89 -22.94 29.07
C GLY A 31 -10.48 -22.31 29.16
N ASP B 2 21.32 19.60 -34.64
CA ASP B 2 22.30 19.19 -33.62
C ASP B 2 21.74 18.58 -32.31
N GLY B 4 20.18 16.60 -29.25
CA GLY B 4 19.66 15.27 -28.96
C GLY B 4 18.22 15.22 -28.42
N ASP B 5 17.63 14.03 -28.43
CA ASP B 5 16.21 13.77 -28.12
C ASP B 5 15.88 13.70 -26.60
N GLY B 7 14.59 12.30 -22.80
CA GLY B 7 14.75 11.09 -21.98
C GLY B 7 13.43 10.36 -21.65
N ASP B 8 13.53 9.08 -21.28
CA ASP B 8 12.40 8.19 -20.96
C ASP B 8 11.83 8.33 -19.53
N GLY B 10 10.53 7.42 -15.62
CA GLY B 10 11.05 6.65 -14.48
C GLY B 10 10.32 5.34 -14.16
N ASP B 11 10.92 4.55 -13.26
CA ASP B 11 10.40 3.27 -12.78
C ASP B 11 9.26 3.44 -11.74
N GLY B 13 6.87 3.37 -8.35
CA GLY B 13 6.97 3.41 -6.89
C GLY B 13 6.78 2.07 -6.19
N ASP B 14 7.28 1.97 -4.96
CA ASP B 14 7.11 0.82 -4.07
C ASP B 14 5.67 0.70 -3.55
N GLY B 16 2.32 0.48 -1.13
CA GLY B 16 1.89 1.02 0.16
C GLY B 16 2.03 0.03 1.32
N ASP B 17 2.02 0.53 2.54
CA ASP B 17 2.15 -0.27 3.75
C ASP B 17 0.83 -0.98 4.13
N GLY B 19 -2.57 -2.22 6.06
CA GLY B 19 -3.56 -1.63 6.96
C GLY B 19 -3.40 -2.06 8.43
N ASP B 20 -4.12 -1.40 9.33
CA ASP B 20 -4.10 -1.73 10.77
C ASP B 20 -4.77 -3.06 11.12
N GLY B 22 -7.27 -5.84 12.82
CA GLY B 22 -8.68 -5.89 13.19
C GLY B 22 -8.98 -5.88 14.70
N ASP B 23 -10.25 -5.67 15.02
CA ASP B 23 -10.75 -5.61 16.40
C ASP B 23 -10.71 -6.98 17.11
N GLY B 25 -11.81 -10.41 19.15
CA GLY B 25 -12.97 -11.31 19.18
C GLY B 25 -13.86 -11.14 20.41
N ASP B 26 -15.06 -11.73 20.34
CA ASP B 26 -16.01 -11.82 21.46
C ASP B 26 -15.56 -12.85 22.51
N GLY B 28 -15.24 -16.02 25.24
CA GLY B 28 -15.71 -17.40 25.37
C GLY B 28 -16.89 -17.54 26.35
N ASP B 29 -17.64 -18.64 26.23
CA ASP B 29 -18.70 -19.02 27.17
C ASP B 29 -18.12 -19.52 28.52
N GLY B 31 -16.71 -21.72 31.57
CA GLY B 31 -15.98 -22.99 31.68
C GLY B 31 -14.52 -22.89 32.13
N PRO C 2 23.33 16.80 -21.14
CA PRO C 2 22.79 16.64 -22.50
C PRO C 2 21.89 17.81 -22.97
N GLY C 4 19.09 17.31 -24.80
CA GLY C 4 17.72 16.79 -24.68
C GLY C 4 17.24 16.80 -23.22
N PRO C 5 15.94 17.09 -22.95
CA PRO C 5 15.44 17.23 -21.59
C PRO C 5 15.35 15.88 -20.85
N GLY C 7 13.55 12.81 -18.76
CA GLY C 7 12.23 12.18 -18.73
C GLY C 7 11.43 12.46 -17.45
N PRO C 8 10.11 12.23 -17.44
CA PRO C 8 9.23 12.51 -16.30
C PRO C 8 9.35 11.45 -15.18
N GLY C 10 8.35 8.39 -12.64
CA GLY C 10 7.64 7.12 -12.83
C GLY C 10 6.24 7.08 -12.19
N PRO C 11 5.41 6.07 -12.53
CA PRO C 11 4.09 5.89 -11.92
C PRO C 11 4.09 5.62 -10.40
N GLY C 13 3.30 3.69 -6.83
CA GLY C 13 3.13 2.30 -6.37
C GLY C 13 1.66 1.94 -6.05
N PRO C 14 1.33 0.64 -5.98
CA PRO C 14 -0.05 0.19 -5.72
C PRO C 14 -0.47 0.40 -4.24
N GLY C 16 -1.53 -0.54 -0.45
CA GLY C 16 -1.04 -1.57 0.49
C GLY C 16 -2.04 -2.71 0.75
N PRO C 17 -1.57 -3.89 1.21
CA PRO C 17 -2.44 -5.00 1.58
C PRO C 17 -3.40 -4.72 2.76
N GLY C 19 -5.01 -5.12 6.40
CA GLY C 19 -4.40 -5.40 7.71
C GLY C 19 -4.68 -6.82 8.22
N PRO C 20 -3.89 -7.33 9.19
CA PRO C 20 -4.11 -8.63 9.80
C PRO C 20 -5.46 -8.78 10.55
N GLY C 22 -7.94 -9.54 13.66
CA GLY C 22 -7.83 -9.27 15.09
C GLY C 22 -7.50 -10.50 15.95
N PRO C 23 -7.09 -10.32 17.22
CA PRO C 23 -6.77 -11.41 18.13
C PRO C 23 -8.03 -12.18 18.59
N GLY C 25 -10.86 -13.52 21.13
CA GLY C 25 -11.53 -12.89 22.27
C GLY C 25 -11.04 -13.39 23.64
N PRO C 26 -11.42 -12.72 24.75
CA PRO C 26 -11.01 -13.14 26.09
C PRO C 26 -11.49 -14.55 26.48
N GLY C 28 -13.13 -17.75 28.42
CA GLY C 28 -14.38 -17.91 29.15
C GLY C 28 -14.18 -17.94 30.68
N PRO C 29 -15.09 -17.33 31.47
CA PRO C 29 -14.93 -17.22 32.92
C PRO C 29 -15.14 -18.58 33.64
N GLY C 31 -17.27 -19.67 35.73
CA GLY C 31 -18.68 -20.03 35.88
C GLY C 31 -19.67 -18.95 35.41
N PRO A 2 22.99 18.31 -36.36
CA PRO A 2 22.75 16.94 -35.88
C PRO A 2 23.69 16.51 -34.74
N LYS A 3 24.01 17.43 -33.81
CA LYS A 3 24.97 17.23 -32.70
C LYS A 3 24.56 16.15 -31.67
N GLY A 4 23.30 15.71 -31.70
CA GLY A 4 22.77 14.59 -30.86
C GLY A 4 22.68 14.78 -29.33
N PRO A 5 22.37 15.98 -28.76
CA PRO A 5 22.14 16.15 -27.31
C PRO A 5 20.76 15.61 -26.87
N LYS A 6 20.60 14.28 -26.83
CA LYS A 6 19.36 13.60 -26.36
C LYS A 6 18.96 14.05 -24.95
N GLY A 7 17.65 14.20 -24.71
CA GLY A 7 17.09 14.59 -23.42
C GLY A 7 17.20 13.49 -22.33
N PRO A 8 17.25 13.86 -21.03
CA PRO A 8 17.44 12.91 -19.93
C PRO A 8 16.16 12.14 -19.55
N LYS A 9 16.36 10.96 -18.96
CA LYS A 9 15.32 10.10 -18.36
C LYS A 9 14.60 10.79 -17.18
N GLY A 10 13.28 10.59 -17.06
CA GLY A 10 12.45 11.19 -16.01
C GLY A 10 12.60 10.54 -14.61
N PRO A 11 12.13 11.22 -13.54
CA PRO A 11 12.23 10.74 -12.17
C PRO A 11 11.23 9.62 -11.83
N LYS A 12 11.53 8.88 -10.76
CA LYS A 12 10.65 7.85 -10.17
C LYS A 12 9.32 8.46 -9.67
N GLY A 13 8.21 7.73 -9.86
CA GLY A 13 6.87 8.13 -9.41
C GLY A 13 6.65 8.03 -7.89
N PRO A 14 5.58 8.65 -7.36
CA PRO A 14 5.33 8.73 -5.92
C PRO A 14 4.81 7.41 -5.31
N LYS A 15 5.12 7.20 -4.03
CA LYS A 15 4.64 6.08 -3.21
C LYS A 15 3.11 6.04 -3.14
N GLY A 16 2.51 4.85 -3.22
CA GLY A 16 1.05 4.65 -3.17
C GLY A 16 0.41 4.90 -1.79
N PRO A 17 -0.92 5.09 -1.72
CA PRO A 17 -1.64 5.35 -0.47
C PRO A 17 -1.84 4.08 0.39
N LYS A 18 -1.95 4.25 1.71
CA LYS A 18 -2.19 3.17 2.68
C LYS A 18 -3.48 2.37 2.36
N GLY A 19 -3.47 1.06 2.61
CA GLY A 19 -4.63 0.17 2.42
C GLY A 19 -5.76 0.32 3.45
N PRO A 20 -6.93 -0.34 3.22
CA PRO A 20 -8.11 -0.27 4.09
C PRO A 20 -8.01 -1.14 5.36
N LYS A 21 -8.61 -0.68 6.47
CA LYS A 21 -8.70 -1.39 7.76
C LYS A 21 -9.43 -2.75 7.66
N GLY A 22 -9.00 -3.71 8.48
CA GLY A 22 -9.54 -5.09 8.49
C GLY A 22 -10.86 -5.27 9.25
N PRO A 23 -11.56 -6.41 9.04
CA PRO A 23 -12.85 -6.72 9.68
C PRO A 23 -12.71 -7.23 11.12
N LYS A 24 -13.79 -7.14 11.91
CA LYS A 24 -13.88 -7.61 13.30
C LYS A 24 -13.66 -9.12 13.42
N GLY A 25 -13.04 -9.55 14.53
CA GLY A 25 -12.80 -10.97 14.85
C GLY A 25 -14.06 -11.74 15.33
N PRO A 26 -14.02 -13.08 15.34
CA PRO A 26 -15.16 -13.92 15.71
C PRO A 26 -15.43 -13.96 17.23
N LYS A 27 -16.67 -14.27 17.60
CA LYS A 27 -17.12 -14.46 19.00
C LYS A 27 -16.27 -15.51 19.73
N GLY A 28 -15.91 -15.24 20.99
CA GLY A 28 -15.12 -16.13 21.83
C GLY A 28 -15.83 -17.45 22.23
N PRO A 29 -15.08 -18.48 22.64
CA PRO A 29 -15.64 -19.75 23.12
C PRO A 29 -16.28 -19.59 24.52
N LYS A 30 -17.12 -20.53 24.93
CA LYS A 30 -17.79 -20.51 26.26
C LYS A 30 -16.92 -20.98 27.45
N GLY A 31 -15.68 -21.40 27.19
CA GLY A 31 -14.71 -21.82 28.22
C GLY A 31 -13.46 -22.53 27.66
N ASP B 2 14.73 19.31 -33.76
CA ASP B 2 15.79 19.78 -32.87
C ASP B 2 17.06 18.89 -32.95
N GLY B 4 18.66 16.81 -31.08
CA GLY B 4 18.64 15.49 -30.45
C GLY B 4 17.26 15.03 -29.96
N ASP B 5 17.16 13.72 -29.68
CA ASP B 5 15.89 13.02 -29.37
C ASP B 5 15.31 13.33 -27.97
N GLY B 7 13.74 12.54 -24.10
CA GLY B 7 14.09 11.63 -23.01
C GLY B 7 13.01 10.58 -22.68
N ASP B 8 13.45 9.51 -22.03
CA ASP B 8 12.64 8.34 -21.66
C ASP B 8 11.79 8.50 -20.36
N GLY B 10 10.18 7.75 -16.57
CA GLY B 10 10.74 7.32 -15.26
C GLY B 10 10.13 6.04 -14.68
N ASP B 11 10.74 5.52 -13.60
CA ASP B 11 10.36 4.29 -12.91
C ASP B 11 9.04 4.43 -12.10
N GLY B 13 6.34 4.25 -8.95
CA GLY B 13 6.38 4.33 -7.49
C GLY B 13 6.13 2.97 -6.80
N ASP B 14 6.56 2.87 -5.54
CA ASP B 14 6.35 1.67 -4.70
C ASP B 14 4.92 1.59 -4.11
N GLY B 16 1.73 1.22 -1.41
CA GLY B 16 1.43 1.75 -0.08
C GLY B 16 1.61 0.74 1.07
N ASP B 17 1.66 1.25 2.30
CA ASP B 17 1.68 0.44 3.53
C ASP B 17 0.32 -0.27 3.78
N GLY B 19 -3.24 -1.63 5.48
CA GLY B 19 -4.28 -1.15 6.38
C GLY B 19 -4.14 -1.65 7.83
N ASP B 20 -4.82 -0.96 8.75
CA ASP B 20 -4.79 -1.24 10.18
C ASP B 20 -5.52 -2.56 10.55
N GLY B 22 -8.08 -5.27 12.29
CA GLY B 22 -9.48 -5.26 12.72
C GLY B 22 -9.67 -5.33 14.25
N ASP B 23 -10.89 -5.02 14.70
CA ASP B 23 -11.28 -5.01 16.11
C ASP B 23 -11.39 -6.45 16.70
N GLY B 25 -12.93 -9.72 18.57
CA GLY B 25 -14.26 -10.31 18.77
C GLY B 25 -14.78 -10.14 20.21
N ASP B 26 -16.09 -10.30 20.40
CA ASP B 26 -16.72 -10.21 21.71
C ASP B 26 -16.53 -11.48 22.56
N GLY B 28 -17.27 -14.84 24.95
CA GLY B 28 -18.22 -15.96 24.85
C GLY B 28 -19.36 -15.95 25.89
N ASP B 29 -20.27 -16.93 25.78
CA ASP B 29 -21.31 -17.22 26.78
C ASP B 29 -20.71 -17.72 28.13
N GLY B 31 -19.47 -19.83 31.33
CA GLY B 31 -18.93 -21.19 31.52
C GLY B 31 -17.42 -21.26 31.82
N PRO C 2 20.63 23.44 -28.68
CA PRO C 2 19.60 23.13 -27.68
C PRO C 2 19.39 21.60 -27.46
N GLY C 4 17.42 17.98 -26.63
CA GLY C 4 16.07 17.39 -26.65
C GLY C 4 15.38 17.48 -25.28
N PRO C 5 14.04 17.44 -25.21
CA PRO C 5 13.30 17.64 -23.97
C PRO C 5 13.44 16.43 -23.00
N GLY C 7 12.28 13.37 -20.43
CA GLY C 7 11.17 12.41 -20.38
C GLY C 7 10.25 12.63 -19.17
N PRO C 8 9.03 12.07 -19.20
CA PRO C 8 8.03 12.29 -18.15
C PRO C 8 8.34 11.51 -16.85
N GLY C 10 7.60 8.82 -13.81
CA GLY C 10 6.88 7.53 -13.68
C GLY C 10 5.55 7.65 -12.92
N PRO C 11 4.65 6.64 -13.04
CA PRO C 11 3.32 6.66 -12.42
C PRO C 11 3.36 6.44 -10.90
N GLY C 13 2.56 4.53 -7.32
CA GLY C 13 2.37 3.15 -6.85
C GLY C 13 0.91 2.83 -6.50
N PRO C 14 0.52 1.54 -6.43
CA PRO C 14 -0.85 1.11 -6.12
C PRO C 14 -1.20 1.29 -4.63
N GLY C 16 -2.05 0.17 -0.85
CA GLY C 16 -1.50 -0.88 0.01
C GLY C 16 -2.47 -2.06 0.27
N PRO C 17 -1.97 -3.20 0.78
CA PRO C 17 -2.80 -4.35 1.15
C PRO C 17 -3.83 -4.08 2.26
N GLY C 19 -5.77 -4.50 5.84
CA GLY C 19 -5.42 -4.90 7.20
C GLY C 19 -6.02 -6.27 7.56
N PRO C 20 -5.39 -7.03 8.50
CA PRO C 20 -5.83 -8.38 8.85
C PRO C 20 -7.12 -8.38 9.70
N GLY C 22 -9.43 -8.98 12.97
CA GLY C 22 -9.20 -8.91 14.42
C GLY C 22 -9.15 -10.30 15.09
N PRO C 23 -8.59 -10.42 16.31
CA PRO C 23 -8.47 -11.69 17.02
C PRO C 23 -9.82 -12.23 17.51
N GLY C 25 -12.56 -13.39 20.26
CA GLY C 25 -12.88 -12.94 21.62
C GLY C 25 -12.38 -13.91 22.71
N PRO C 26 -12.23 -13.45 23.97
CA PRO C 26 -11.76 -14.30 25.07
C PRO C 26 -12.81 -15.35 25.48
N GLY C 28 -15.61 -17.05 27.60
CA GLY C 28 -16.73 -16.30 28.17
C GLY C 28 -16.72 -16.21 29.71
N PRO C 29 -16.53 -15.01 30.30
CA PRO C 29 -16.54 -14.82 31.75
C PRO C 29 -17.98 -14.92 32.31
N GLY C 31 -21.31 -14.18 33.91
CA GLY C 31 -22.03 -12.92 34.18
C GLY C 31 -21.87 -11.84 33.09
N PRO A 2 24.25 16.13 -31.06
CA PRO A 2 23.32 17.27 -31.17
C PRO A 2 22.16 17.08 -32.16
N LYS A 3 22.33 16.19 -33.15
CA LYS A 3 21.32 15.82 -34.17
C LYS A 3 20.19 14.91 -33.65
N GLY A 4 20.17 14.56 -32.35
CA GLY A 4 19.20 13.63 -31.75
C GLY A 4 19.42 13.30 -30.26
N PRO A 5 19.64 14.28 -29.35
CA PRO A 5 19.96 14.02 -27.93
C PRO A 5 18.76 13.46 -27.15
N LYS A 6 18.84 12.22 -26.64
CA LYS A 6 17.86 11.63 -25.72
C LYS A 6 17.96 12.22 -24.29
N GLY A 7 16.82 12.37 -23.61
CA GLY A 7 16.73 12.80 -22.20
C GLY A 7 16.87 11.67 -21.17
N PRO A 8 17.06 11.99 -19.87
CA PRO A 8 17.23 11.00 -18.79
C PRO A 8 15.92 10.33 -18.33
N LYS A 9 16.04 9.16 -17.70
CA LYS A 9 14.94 8.40 -17.07
C LYS A 9 14.23 9.21 -15.95
N GLY A 10 12.91 9.06 -15.84
CA GLY A 10 12.07 9.73 -14.83
C GLY A 10 12.13 9.10 -13.42
N PRO A 11 11.62 9.80 -12.38
CA PRO A 11 11.65 9.36 -10.99
C PRO A 11 10.62 8.26 -10.66
N LYS A 12 10.90 7.47 -9.61
CA LYS A 12 9.96 6.47 -9.05
C LYS A 12 8.64 7.12 -8.60
N GLY A 13 7.52 6.41 -8.78
CA GLY A 13 6.19 6.84 -8.32
C GLY A 13 5.99 6.82 -6.79
N PRO A 14 4.89 7.43 -6.29
CA PRO A 14 4.59 7.53 -4.85
C PRO A 14 4.05 6.22 -4.25
N LYS A 15 4.31 6.00 -2.96
CA LYS A 15 3.76 4.87 -2.17
C LYS A 15 2.23 4.87 -2.17
N GLY A 16 1.63 3.68 -2.24
CA GLY A 16 0.17 3.48 -2.27
C GLY A 16 -0.56 3.80 -0.95
N PRO A 17 -1.90 3.91 -0.97
CA PRO A 17 -2.71 4.20 0.22
C PRO A 17 -2.91 2.99 1.14
N LYS A 18 -3.14 3.23 2.43
CA LYS A 18 -3.35 2.20 3.46
C LYS A 18 -4.57 1.29 3.15
N GLY A 19 -4.48 0.00 3.51
CA GLY A 19 -5.58 -0.97 3.38
C GLY A 19 -6.72 -0.85 4.43
N PRO A 20 -7.83 -1.60 4.25
CA PRO A 20 -9.01 -1.55 5.14
C PRO A 20 -8.86 -2.39 6.42
N LYS A 21 -9.58 -2.01 7.48
CA LYS A 21 -9.64 -2.71 8.78
C LYS A 21 -10.10 -4.18 8.65
N GLY A 22 -9.55 -5.08 9.48
CA GLY A 22 -9.90 -6.50 9.51
C GLY A 22 -11.25 -6.83 10.19
N PRO A 23 -11.83 -8.02 9.95
CA PRO A 23 -13.10 -8.45 10.54
C PRO A 23 -12.95 -8.86 12.02
N LYS A 24 -14.06 -8.80 12.77
CA LYS A 24 -14.14 -9.28 14.18
C LYS A 24 -13.85 -10.79 14.28
N GLY A 25 -13.22 -11.22 15.39
CA GLY A 25 -13.00 -12.63 15.70
C GLY A 25 -14.27 -13.41 16.11
N PRO A 26 -14.22 -14.75 16.12
CA PRO A 26 -15.35 -15.62 16.48
C PRO A 26 -15.62 -15.65 17.99
N LYS A 27 -16.85 -16.03 18.38
CA LYS A 27 -17.26 -16.20 19.79
C LYS A 27 -16.36 -17.22 20.53
N GLY A 28 -16.03 -16.95 21.79
CA GLY A 28 -15.18 -17.80 22.63
C GLY A 28 -15.78 -19.18 23.01
N PRO A 29 -14.95 -20.13 23.47
CA PRO A 29 -15.38 -21.47 23.89
C PRO A 29 -16.04 -21.48 25.27
N LYS A 30 -16.77 -22.55 25.62
CA LYS A 30 -17.40 -22.75 26.94
C LYS A 30 -16.42 -22.92 28.11
N GLY A 31 -15.18 -23.34 27.84
CA GLY A 31 -14.12 -23.52 28.84
C GLY A 31 -12.92 -24.38 28.40
N ASP B 2 13.03 21.01 -32.01
CA ASP B 2 14.41 20.55 -31.80
C ASP B 2 14.61 19.05 -32.15
N GLY B 4 15.96 16.29 -30.54
CA GLY B 4 16.09 15.23 -29.52
C GLY B 4 14.80 14.59 -28.98
N ASP B 5 14.91 13.31 -28.62
CA ASP B 5 13.88 12.44 -28.05
C ASP B 5 13.65 12.59 -26.51
N GLY B 7 13.14 11.08 -22.58
CA GLY B 7 13.64 9.98 -21.75
C GLY B 7 12.57 8.95 -21.34
N ASP B 8 13.02 7.82 -20.75
CA ASP B 8 12.14 6.71 -20.34
C ASP B 8 11.36 6.97 -19.03
N GLY B 10 9.74 6.45 -15.20
CA GLY B 10 10.18 5.92 -13.90
C GLY B 10 9.46 4.63 -13.45
N ASP B 11 9.99 3.98 -12.42
CA ASP B 11 9.46 2.73 -11.86
C ASP B 11 8.22 2.96 -10.96
N GLY B 13 5.58 3.04 -7.78
CA GLY B 13 5.62 3.21 -6.32
C GLY B 13 5.45 1.92 -5.52
N ASP B 14 5.89 1.95 -4.26
CA ASP B 14 5.78 0.84 -3.32
C ASP B 14 4.32 0.61 -2.85
N GLY B 16 0.98 0.20 -0.47
CA GLY B 16 0.47 0.78 0.78
C GLY B 16 0.65 -0.15 1.99
N ASP B 17 0.57 0.43 3.20
CA ASP B 17 0.69 -0.30 4.45
C ASP B 17 -0.62 -1.05 4.81
N GLY B 19 -4.06 -2.55 6.60
CA GLY B 19 -5.14 -2.06 7.46
C GLY B 19 -4.99 -2.42 8.94
N ASP B 20 -5.78 -1.75 9.78
CA ASP B 20 -5.79 -1.95 11.22
C ASP B 20 -6.42 -3.31 11.62
N GLY B 22 -8.71 -6.30 13.30
CA GLY B 22 -10.08 -6.50 13.79
C GLY B 22 -10.13 -6.74 15.31
N ASP B 23 -11.29 -6.50 15.89
CA ASP B 23 -11.52 -6.56 17.34
C ASP B 23 -11.77 -8.00 17.85
N GLY B 25 -13.43 -11.40 19.51
CA GLY B 25 -14.76 -12.01 19.61
C GLY B 25 -15.45 -11.82 20.97
N ASP B 26 -16.76 -12.06 20.99
CA ASP B 26 -17.58 -12.03 22.20
C ASP B 26 -17.28 -13.25 23.12
N GLY B 28 -17.52 -16.66 25.46
CA GLY B 28 -18.28 -17.92 25.49
C GLY B 28 -19.46 -17.93 26.47
N ASP B 29 -20.40 -18.84 26.24
CA ASP B 29 -21.48 -19.18 27.16
C ASP B 29 -20.95 -19.95 28.40
N GLY B 31 -19.79 -22.50 31.40
CA GLY B 31 -19.25 -23.86 31.47
C GLY B 31 -19.96 -24.76 32.49
N PRO C 2 18.21 18.31 -20.55
CA PRO C 2 18.61 18.36 -21.96
C PRO C 2 17.50 18.82 -22.94
N GLY C 4 16.19 17.07 -25.46
CA GLY C 4 15.29 15.92 -25.26
C GLY C 4 14.89 15.82 -23.78
N PRO C 5 13.59 15.92 -23.43
CA PRO C 5 13.18 16.17 -22.04
C PRO C 5 13.34 14.94 -21.12
N GLY C 7 12.16 11.95 -18.71
CA GLY C 7 11.03 11.03 -18.84
C GLY C 7 9.93 11.21 -17.77
N PRO C 8 8.72 10.68 -17.99
CA PRO C 8 7.60 10.79 -17.05
C PRO C 8 7.87 10.09 -15.70
N GLY C 10 7.02 7.56 -12.58
CA GLY C 10 6.33 6.27 -12.45
C GLY C 10 4.94 6.37 -11.77
N PRO C 11 4.07 5.35 -11.94
CA PRO C 11 2.72 5.37 -11.39
C PRO C 11 2.68 5.12 -9.86
N GLY C 13 1.87 3.27 -6.30
CA GLY C 13 1.77 1.90 -5.81
C GLY C 13 0.33 1.47 -5.47
N PRO C 14 0.05 0.15 -5.35
CA PRO C 14 -1.29 -0.37 -5.08
C PRO C 14 -1.75 -0.10 -3.63
N GLY C 16 -2.81 -0.98 0.17
CA GLY C 16 -2.28 -1.95 1.14
C GLY C 16 -3.22 -3.14 1.40
N PRO C 17 -2.70 -4.27 1.93
CA PRO C 17 -3.51 -5.43 2.30
C PRO C 17 -4.54 -5.15 3.41
N GLY C 19 -6.34 -5.54 7.05
CA GLY C 19 -5.86 -5.82 8.41
C GLY C 19 -6.16 -7.27 8.85
N PRO C 20 -5.40 -7.83 9.82
CA PRO C 20 -5.66 -9.16 10.36
C PRO C 20 -7.03 -9.31 11.06
N GLY C 22 -9.62 -10.34 13.98
CA GLY C 22 -9.53 -10.34 15.45
C GLY C 22 -9.42 -11.75 16.06
N PRO C 23 -8.92 -11.88 17.30
CA PRO C 23 -8.77 -13.18 17.97
C PRO C 23 -10.13 -13.75 18.42
N GLY C 25 -12.94 -14.90 21.04
CA GLY C 25 -13.34 -14.29 22.31
C GLY C 25 -12.84 -15.03 23.55
N PRO C 26 -12.86 -14.40 24.75
CA PRO C 26 -12.48 -15.07 25.98
C PRO C 26 -13.36 -16.28 26.34
N GLY C 28 -15.87 -18.77 28.29
CA GLY C 28 -17.08 -18.46 29.06
C GLY C 28 -16.89 -18.59 30.59
N PRO C 29 -17.77 -17.95 31.39
CA PRO C 29 -17.78 -18.06 32.86
C PRO C 29 -17.78 -19.52 33.38
N GLY C 31 -19.58 -21.35 35.32
CA GLY C 31 -20.90 -21.98 35.29
C GLY C 31 -22.05 -21.02 35.61
N PRO A 2 21.70 17.49 -38.16
CA PRO A 2 21.05 18.66 -37.55
C PRO A 2 20.40 18.35 -36.17
N LYS A 3 21.13 17.65 -35.30
CA LYS A 3 20.63 17.10 -34.01
C LYS A 3 21.59 17.33 -32.83
N GLY A 4 21.15 16.91 -31.64
CA GLY A 4 21.84 17.11 -30.36
C GLY A 4 21.31 16.23 -29.22
N PRO A 5 21.77 16.45 -27.97
CA PRO A 5 21.52 15.55 -26.84
C PRO A 5 20.04 15.50 -26.40
N LYS A 6 19.40 14.34 -26.59
CA LYS A 6 18.08 14.01 -26.03
C LYS A 6 18.10 14.09 -24.49
N GLY A 7 17.00 14.56 -23.90
CA GLY A 7 16.84 14.67 -22.44
C GLY A 7 16.73 13.32 -21.70
N PRO A 8 17.00 13.29 -20.38
CA PRO A 8 17.01 12.05 -19.60
C PRO A 8 15.60 11.53 -19.25
N LYS A 9 15.52 10.23 -18.95
CA LYS A 9 14.33 9.55 -18.41
C LYS A 9 13.89 10.20 -17.07
N GLY A 10 12.58 10.38 -16.89
CA GLY A 10 11.99 11.04 -15.71
C GLY A 10 12.14 10.28 -14.38
N PRO A 11 11.84 10.94 -13.24
CA PRO A 11 12.01 10.35 -11.91
C PRO A 11 10.96 9.27 -11.59
N LYS A 12 11.35 8.31 -10.73
CA LYS A 12 10.48 7.23 -10.21
C LYS A 12 9.25 7.80 -9.49
N GLY A 13 8.09 7.17 -9.68
CA GLY A 13 6.80 7.62 -9.17
C GLY A 13 6.61 7.50 -7.64
N PRO A 14 5.55 8.11 -7.09
CA PRO A 14 5.29 8.15 -5.65
C PRO A 14 4.72 6.83 -5.12
N LYS A 15 4.95 6.55 -3.83
CA LYS A 15 4.38 5.41 -3.11
C LYS A 15 2.84 5.45 -3.12
N GLY A 16 2.21 4.30 -3.36
CA GLY A 16 0.74 4.16 -3.48
C GLY A 16 -0.05 4.46 -2.18
N PRO A 17 -1.38 4.61 -2.29
CA PRO A 17 -2.24 4.94 -1.15
C PRO A 17 -2.45 3.73 -0.20
N LYS A 18 -2.64 4.01 1.09
CA LYS A 18 -2.89 3.01 2.14
C LYS A 18 -4.12 2.12 1.83
N GLY A 19 -4.06 0.84 2.19
CA GLY A 19 -5.13 -0.14 2.00
C GLY A 19 -6.35 -0.01 2.95
N PRO A 20 -7.41 -0.81 2.73
CA PRO A 20 -8.67 -0.74 3.48
C PRO A 20 -8.60 -1.44 4.86
N LYS A 21 -9.39 -0.95 5.82
CA LYS A 21 -9.51 -1.49 7.20
C LYS A 21 -9.91 -2.98 7.21
N GLY A 22 -9.36 -3.75 8.15
CA GLY A 22 -9.63 -5.19 8.32
C GLY A 22 -11.01 -5.52 8.93
N PRO A 23 -11.47 -6.78 8.82
CA PRO A 23 -12.76 -7.22 9.35
C PRO A 23 -12.76 -7.43 10.88
N LYS A 24 -13.94 -7.29 11.51
CA LYS A 24 -14.17 -7.51 12.95
C LYS A 24 -13.80 -8.94 13.38
N GLY A 25 -13.26 -9.09 14.60
CA GLY A 25 -12.88 -10.39 15.18
C GLY A 25 -14.07 -11.27 15.62
N PRO A 26 -13.84 -12.57 15.86
CA PRO A 26 -14.88 -13.54 16.23
C PRO A 26 -15.34 -13.44 17.70
N LYS A 27 -16.54 -13.95 17.99
CA LYS A 27 -17.11 -14.03 19.34
C LYS A 27 -16.20 -14.78 20.32
N GLY A 28 -16.13 -14.32 21.58
CA GLY A 28 -15.31 -14.92 22.63
C GLY A 28 -15.75 -16.32 23.08
N PRO A 29 -14.86 -17.08 23.75
CA PRO A 29 -15.08 -18.50 24.06
C PRO A 29 -16.09 -18.75 25.19
N LYS A 30 -16.73 -19.93 25.09
CA LYS A 30 -17.69 -20.55 26.02
C LYS A 30 -18.99 -19.76 26.27
N GLY A 31 -19.97 -20.41 26.88
CA GLY A 31 -21.33 -19.92 27.11
C GLY A 31 -22.25 -20.99 27.71
N ASP B 2 21.09 22.00 -33.74
CA ASP B 2 22.01 21.75 -32.63
C ASP B 2 21.34 21.32 -31.29
N GLY B 4 18.50 19.09 -28.85
CA GLY B 4 17.94 17.72 -28.81
C GLY B 4 16.54 17.63 -28.19
N ASP B 5 15.90 16.46 -28.35
CA ASP B 5 14.49 16.21 -28.02
C ASP B 5 14.20 15.92 -26.53
N GLY B 7 12.95 13.98 -22.97
CA GLY B 7 13.14 12.65 -22.38
C GLY B 7 11.85 11.84 -22.13
N ASP B 8 12.00 10.54 -21.85
CA ASP B 8 10.91 9.58 -21.62
C ASP B 8 10.33 9.60 -20.18
N GLY B 10 9.06 8.45 -16.37
CA GLY B 10 9.70 7.71 -15.26
C GLY B 10 9.06 6.35 -14.90
N ASP B 11 9.75 5.58 -14.06
CA ASP B 11 9.33 4.26 -13.59
C ASP B 11 8.20 4.30 -12.54
N GLY B 13 5.94 3.85 -9.06
CA GLY B 13 6.19 3.84 -7.62
C GLY B 13 5.85 2.50 -6.93
N ASP B 14 6.26 2.36 -5.66
CA ASP B 14 5.99 1.18 -4.82
C ASP B 14 4.53 1.14 -4.31
N GLY B 16 1.20 0.84 -1.71
CA GLY B 16 0.84 1.43 -0.41
C GLY B 16 1.00 0.49 0.80
N ASP B 17 0.93 1.06 2.00
CA ASP B 17 0.99 0.34 3.28
C ASP B 17 -0.34 -0.38 3.61
N GLY B 19 -3.87 -1.54 5.43
CA GLY B 19 -4.99 -1.00 6.22
C GLY B 19 -4.85 -1.19 7.74
N ASP B 20 -5.67 -0.46 8.49
CA ASP B 20 -5.75 -0.56 9.94
C ASP B 20 -6.41 -1.88 10.40
N GLY B 22 -8.94 -4.55 12.17
CA GLY B 22 -10.38 -4.61 12.45
C GLY B 22 -10.72 -4.49 13.95
N ASP B 23 -11.99 -4.21 14.26
CA ASP B 23 -12.50 -4.10 15.62
C ASP B 23 -12.49 -5.45 16.39
N GLY B 25 -13.81 -8.71 18.53
CA GLY B 25 -15.04 -9.47 18.71
C GLY B 25 -15.72 -9.20 20.05
N ASP B 26 -17.01 -9.52 20.14
CA ASP B 26 -17.81 -9.40 21.37
C ASP B 26 -17.63 -10.61 22.32
N GLY B 28 -17.88 -13.91 24.99
CA GLY B 28 -18.70 -15.11 25.23
C GLY B 28 -19.90 -14.81 26.15
N ASP B 29 -20.89 -15.71 26.21
CA ASP B 29 -22.07 -15.54 27.06
C ASP B 29 -21.71 -15.74 28.56
N GLY B 31 -23.21 -17.12 31.03
CA GLY B 31 -23.71 -18.38 31.59
C GLY B 31 -24.82 -19.03 30.73
N PRO C 2 21.42 23.55 -25.39
CA PRO C 2 21.26 22.42 -26.32
C PRO C 2 20.43 21.20 -25.83
N GLY C 4 17.66 18.59 -24.52
CA GLY C 4 16.20 18.52 -24.30
C GLY C 4 15.84 18.34 -22.81
N PRO C 5 14.61 18.67 -22.40
CA PRO C 5 14.18 18.58 -21.00
C PRO C 5 14.01 17.14 -20.51
N GLY C 7 12.07 13.86 -19.01
CA GLY C 7 10.71 13.33 -19.15
C GLY C 7 9.85 13.48 -17.89
N PRO C 8 8.52 13.32 -17.99
CA PRO C 8 7.62 13.45 -16.84
C PRO C 8 7.83 12.37 -15.75
N GLY C 10 7.11 9.22 -13.15
CA GLY C 10 6.40 7.94 -13.22
C GLY C 10 5.09 7.90 -12.42
N PRO C 11 4.22 6.90 -12.67
CA PRO C 11 2.89 6.81 -12.04
C PRO C 11 2.94 6.36 -10.57
N GLY C 13 2.23 3.95 -7.34
CA GLY C 13 2.09 2.50 -7.10
C GLY C 13 0.65 2.08 -6.76
N PRO C 14 0.33 0.77 -6.78
CA PRO C 14 -1.00 0.27 -6.45
C PRO C 14 -1.44 0.53 -4.99
N GLY C 16 -2.51 -0.25 -1.12
CA GLY C 16 -1.98 -1.20 -0.14
C GLY C 16 -2.91 -2.39 0.18
N PRO C 17 -2.39 -3.46 0.82
CA PRO C 17 -3.18 -4.62 1.23
C PRO C 17 -4.24 -4.33 2.33
N GLY C 19 -6.10 -4.48 5.94
CA GLY C 19 -5.64 -4.58 7.34
C GLY C 19 -5.93 -5.95 7.98
N PRO C 20 -5.20 -6.33 9.05
CA PRO C 20 -5.42 -7.60 9.74
C PRO C 20 -6.81 -7.72 10.41
N GLY C 22 -9.57 -8.30 13.37
CA GLY C 22 -9.63 -7.98 14.80
C GLY C 22 -9.45 -9.22 15.72
N PRO C 23 -9.09 -9.01 17.00
CA PRO C 23 -8.90 -10.11 17.96
C PRO C 23 -10.23 -10.77 18.37
N GLY C 25 -13.19 -11.90 20.95
CA GLY C 25 -13.76 -11.37 22.18
C GLY C 25 -13.26 -12.10 23.45
N PRO C 26 -13.43 -11.51 24.64
CA PRO C 26 -12.98 -12.12 25.90
C PRO C 26 -13.85 -13.33 26.32
N GLY C 28 -16.50 -15.69 28.26
CA GLY C 28 -17.83 -15.40 28.81
C GLY C 28 -17.98 -15.73 30.31
N PRO C 29 -17.94 -17.02 30.70
CA PRO C 29 -18.08 -17.45 32.10
C PRO C 29 -16.78 -17.27 32.91
N GLY C 31 -13.47 -18.56 34.98
CA GLY C 31 -12.50 -19.63 34.68
C GLY C 31 -11.03 -19.30 34.95
N PRO A 2 18.04 17.62 -37.91
CA PRO A 2 19.24 17.19 -37.18
C PRO A 2 19.00 16.99 -35.67
N LYS A 3 18.01 17.68 -35.08
CA LYS A 3 17.72 17.72 -33.64
C LYS A 3 19.01 17.79 -32.77
N GLY A 4 19.07 16.97 -31.72
CA GLY A 4 20.09 16.93 -30.67
C GLY A 4 19.82 15.77 -29.69
N PRO A 5 20.62 15.63 -28.62
CA PRO A 5 20.51 14.49 -27.70
C PRO A 5 19.17 14.43 -26.94
N LYS A 6 18.66 13.20 -26.75
CA LYS A 6 17.44 12.89 -25.99
C LYS A 6 17.60 13.24 -24.49
N GLY A 7 16.53 13.73 -23.86
CA GLY A 7 16.51 14.11 -22.44
C GLY A 7 16.59 12.93 -21.45
N PRO A 8 16.80 13.21 -20.15
CA PRO A 8 16.99 12.19 -19.11
C PRO A 8 15.67 11.53 -18.65
N LYS A 9 15.77 10.28 -18.18
CA LYS A 9 14.67 9.49 -17.60
C LYS A 9 14.13 10.13 -16.31
N GLY A 10 12.81 10.03 -16.10
CA GLY A 10 12.12 10.59 -14.93
C GLY A 10 12.32 9.80 -13.61
N PRO A 11 11.98 10.39 -12.45
CA PRO A 11 12.15 9.76 -11.13
C PRO A 11 11.08 8.70 -10.81
N LYS A 12 11.41 7.82 -9.86
CA LYS A 12 10.48 6.81 -9.31
C LYS A 12 9.23 7.45 -8.70
N GLY A 13 8.07 6.81 -8.89
CA GLY A 13 6.77 7.27 -8.36
C GLY A 13 6.60 7.11 -6.84
N PRO A 14 5.55 7.74 -6.25
CA PRO A 14 5.32 7.73 -4.81
C PRO A 14 4.75 6.40 -4.29
N LYS A 15 5.02 6.11 -3.01
CA LYS A 15 4.42 4.97 -2.28
C LYS A 15 2.88 5.02 -2.32
N GLY A 16 2.24 3.87 -2.52
CA GLY A 16 0.77 3.74 -2.48
C GLY A 16 0.14 4.01 -1.10
N PRO A 17 -1.19 4.25 -1.04
CA PRO A 17 -1.90 4.55 0.21
C PRO A 17 -2.17 3.29 1.07
N LYS A 18 -2.29 3.48 2.39
CA LYS A 18 -2.57 2.43 3.38
C LYS A 18 -3.88 1.66 3.10
N GLY A 19 -3.90 0.37 3.41
CA GLY A 19 -5.09 -0.49 3.26
C GLY A 19 -6.20 -0.28 4.32
N PRO A 20 -7.42 -0.79 4.09
CA PRO A 20 -8.55 -0.65 5.03
C PRO A 20 -8.44 -1.60 6.25
N LYS A 21 -9.07 -1.20 7.37
CA LYS A 21 -9.17 -2.01 8.61
C LYS A 21 -9.94 -3.33 8.36
N GLY A 22 -9.55 -4.40 9.07
CA GLY A 22 -10.28 -5.69 9.08
C GLY A 22 -11.57 -5.71 9.94
N PRO A 23 -12.40 -6.75 9.82
CA PRO A 23 -13.66 -6.90 10.58
C PRO A 23 -13.43 -7.38 12.02
N LYS A 24 -14.44 -7.19 12.90
CA LYS A 24 -14.44 -7.66 14.30
C LYS A 24 -14.15 -9.17 14.41
N GLY A 25 -13.39 -9.56 15.43
CA GLY A 25 -13.07 -10.97 15.76
C GLY A 25 -14.24 -11.78 16.33
N PRO A 26 -14.09 -13.13 16.43
CA PRO A 26 -15.14 -14.05 16.90
C PRO A 26 -15.34 -14.03 18.43
N LYS A 27 -16.49 -14.53 18.89
CA LYS A 27 -16.82 -14.64 20.33
C LYS A 27 -15.79 -15.48 21.11
N GLY A 28 -15.51 -15.09 22.34
CA GLY A 28 -14.56 -15.78 23.23
C GLY A 28 -15.01 -17.18 23.68
N PRO A 29 -14.06 -18.03 24.15
CA PRO A 29 -14.35 -19.39 24.62
C PRO A 29 -15.01 -19.42 26.01
N LYS A 30 -15.67 -20.52 26.35
CA LYS A 30 -16.32 -20.73 27.67
C LYS A 30 -15.39 -21.29 28.75
N GLY A 31 -14.16 -21.66 28.40
CA GLY A 31 -13.16 -22.22 29.33
C GLY A 31 -11.82 -22.54 28.66
N ASP B 2 18.51 22.37 -34.02
CA ASP B 2 17.14 22.19 -33.51
C ASP B 2 17.16 21.49 -32.13
N GLY B 4 16.37 18.89 -28.77
CA GLY B 4 16.37 17.44 -28.57
C GLY B 4 15.01 16.85 -28.16
N ASP B 5 14.87 15.53 -28.23
CA ASP B 5 13.65 14.80 -27.90
C ASP B 5 13.43 14.64 -26.36
N GLY B 7 12.81 12.90 -22.65
CA GLY B 7 13.22 11.69 -21.91
C GLY B 7 12.07 10.75 -21.55
N ASP B 8 12.40 9.53 -21.11
CA ASP B 8 11.47 8.45 -20.81
C ASP B 8 10.80 8.56 -19.41
N GLY B 10 9.52 7.55 -15.58
CA GLY B 10 10.15 6.90 -14.41
C GLY B 10 9.50 5.59 -13.95
N ASP B 11 10.16 4.90 -13.01
CA ASP B 11 9.72 3.62 -12.45
C ASP B 11 8.48 3.74 -11.53
N GLY B 13 5.98 3.46 -8.23
CA GLY B 13 6.07 3.39 -6.77
C GLY B 13 5.66 2.02 -6.21
N ASP B 14 6.11 1.72 -4.99
CA ASP B 14 5.80 0.48 -4.27
C ASP B 14 4.43 0.50 -3.53
N GLY B 16 1.31 0.37 -0.77
CA GLY B 16 1.01 0.89 0.57
C GLY B 16 1.13 -0.14 1.70
N ASP B 17 1.21 0.37 2.92
CA ASP B 17 1.26 -0.42 4.15
C ASP B 17 -0.06 -1.17 4.42
N GLY B 19 -3.49 -2.46 6.19
CA GLY B 19 -4.50 -1.95 7.12
C GLY B 19 -4.39 -2.56 8.51
N ASP B 20 -5.00 -1.91 9.51
CA ASP B 20 -4.98 -2.37 10.90
C ASP B 20 -5.84 -3.61 11.16
N GLY B 22 -8.67 -5.93 12.90
CA GLY B 22 -10.01 -5.68 13.42
C GLY B 22 -10.13 -5.61 14.95
N ASP B 23 -11.28 -5.14 15.42
CA ASP B 23 -11.60 -5.01 16.84
C ASP B 23 -11.78 -6.38 17.53
N GLY B 25 -13.28 -9.57 19.65
CA GLY B 25 -14.58 -10.21 19.87
C GLY B 25 -15.21 -9.95 21.24
N ASP B 26 -16.48 -10.33 21.38
CA ASP B 26 -17.24 -10.26 22.63
C ASP B 26 -16.93 -11.46 23.56
N GLY B 28 -16.94 -14.87 26.04
CA GLY B 28 -17.64 -16.15 26.25
C GLY B 28 -18.70 -16.09 27.37
N ASP B 29 -19.52 -17.15 27.47
CA ASP B 29 -20.75 -17.17 28.27
C ASP B 29 -20.94 -18.52 29.02
N GLY B 31 -22.31 -19.74 31.72
CA GLY B 31 -23.57 -20.04 32.42
C GLY B 31 -24.41 -18.80 32.73
N PRO C 2 20.80 22.10 -27.24
CA PRO C 2 19.55 21.49 -27.70
C PRO C 2 18.52 21.10 -26.62
N GLY C 4 16.89 18.63 -24.76
CA GLY C 4 15.83 17.62 -24.66
C GLY C 4 15.29 17.50 -23.22
N PRO C 5 13.98 17.67 -22.97
CA PRO C 5 13.44 17.83 -21.62
C PRO C 5 13.40 16.49 -20.84
N GLY C 7 11.92 13.27 -18.78
CA GLY C 7 10.69 12.47 -18.76
C GLY C 7 9.88 12.63 -17.45
N PRO C 8 8.59 12.24 -17.45
CA PRO C 8 7.70 12.43 -16.31
C PRO C 8 7.99 11.45 -15.15
N GLY C 10 7.29 8.41 -12.48
CA GLY C 10 6.53 7.15 -12.50
C GLY C 10 5.20 7.22 -11.73
N PRO C 11 4.28 6.26 -11.94
CA PRO C 11 2.97 6.25 -11.31
C PRO C 11 3.02 5.88 -9.81
N GLY C 13 2.27 3.66 -6.44
CA GLY C 13 2.07 2.24 -6.15
C GLY C 13 0.61 1.88 -5.80
N PRO C 14 0.22 0.60 -5.86
CA PRO C 14 -1.13 0.16 -5.50
C PRO C 14 -1.48 0.35 -4.00
N GLY C 16 -2.42 -0.60 -0.16
CA GLY C 16 -1.98 -1.67 0.74
C GLY C 16 -3.04 -2.76 0.96
N PRO C 17 -2.63 -3.98 1.38
CA PRO C 17 -3.57 -5.05 1.72
C PRO C 17 -4.52 -4.73 2.90
N GLY C 19 -6.40 -5.16 6.48
CA GLY C 19 -6.06 -5.73 7.78
C GLY C 19 -6.81 -7.04 8.07
N PRO C 20 -6.27 -7.93 8.92
CA PRO C 20 -6.90 -9.21 9.24
C PRO C 20 -8.13 -9.05 10.18
N GLY C 22 -10.16 -9.28 13.62
CA GLY C 22 -9.71 -9.00 14.99
C GLY C 22 -9.47 -10.26 15.85
N PRO C 23 -8.79 -10.11 17.00
CA PRO C 23 -8.59 -11.22 17.94
C PRO C 23 -9.90 -11.81 18.50
N GLY C 25 -12.61 -12.92 21.29
CA GLY C 25 -13.04 -12.26 22.52
C GLY C 25 -12.45 -12.88 23.80
N PRO C 26 -12.56 -12.19 24.95
CA PRO C 26 -12.08 -12.72 26.22
C PRO C 26 -12.77 -14.02 26.67
N GLY C 28 -14.84 -16.45 28.89
CA GLY C 28 -16.01 -16.06 29.68
C GLY C 28 -15.76 -16.10 31.21
N PRO C 29 -16.41 -15.22 31.99
CA PRO C 29 -16.23 -15.14 33.44
C PRO C 29 -16.90 -16.34 34.14
N GLY C 31 -19.13 -18.76 36.12
CA GLY C 31 -20.53 -18.60 36.58
C GLY C 31 -21.44 -17.84 35.61
N PRO A 2 20.90 10.94 -38.85
CA PRO A 2 21.46 11.76 -37.76
C PRO A 2 20.43 12.23 -36.72
N LYS A 3 20.86 12.35 -35.46
CA LYS A 3 20.05 12.84 -34.32
C LYS A 3 20.90 13.47 -33.21
N GLY A 4 20.25 14.23 -32.34
CA GLY A 4 20.80 14.90 -31.16
C GLY A 4 20.17 14.39 -29.85
N PRO A 5 20.27 15.15 -28.74
CA PRO A 5 19.88 14.70 -27.39
C PRO A 5 18.36 14.45 -27.23
N LYS A 6 17.97 13.17 -27.28
CA LYS A 6 16.69 12.66 -26.75
C LYS A 6 16.57 12.99 -25.25
N GLY A 7 15.34 13.28 -24.78
CA GLY A 7 15.07 13.63 -23.38
C GLY A 7 15.32 12.47 -22.38
N PRO A 8 15.65 12.77 -21.12
CA PRO A 8 15.88 11.76 -20.07
C PRO A 8 14.59 11.11 -19.55
N LYS A 9 14.73 9.90 -18.99
CA LYS A 9 13.69 9.14 -18.28
C LYS A 9 13.20 9.88 -17.02
N GLY A 10 11.90 9.78 -16.71
CA GLY A 10 11.27 10.40 -15.53
C GLY A 10 11.54 9.65 -14.20
N PRO A 11 11.24 10.27 -13.05
CA PRO A 11 11.46 9.69 -11.72
C PRO A 11 10.43 8.61 -11.36
N LYS A 12 10.79 7.73 -10.40
CA LYS A 12 9.89 6.72 -9.83
C LYS A 12 8.61 7.34 -9.24
N GLY A 13 7.47 6.70 -9.44
CA GLY A 13 6.16 7.14 -8.93
C GLY A 13 6.01 7.05 -7.39
N PRO A 14 4.94 7.66 -6.83
CA PRO A 14 4.70 7.71 -5.38
C PRO A 14 4.20 6.37 -4.81
N LYS A 15 4.57 6.09 -3.55
CA LYS A 15 4.09 4.93 -2.77
C LYS A 15 2.56 4.89 -2.69
N GLY A 16 1.97 3.71 -2.82
CA GLY A 16 0.52 3.50 -2.77
C GLY A 16 -0.11 3.73 -1.38
N PRO A 17 -1.45 3.92 -1.30
CA PRO A 17 -2.15 4.20 -0.06
C PRO A 17 -2.33 2.95 0.82
N LYS A 18 -2.46 3.14 2.14
CA LYS A 18 -2.69 2.07 3.13
C LYS A 18 -3.97 1.27 2.84
N GLY A 19 -3.95 -0.03 3.11
CA GLY A 19 -5.08 -0.94 2.87
C GLY A 19 -6.31 -0.74 3.79
N PRO A 20 -7.46 -1.36 3.46
CA PRO A 20 -8.70 -1.23 4.22
C PRO A 20 -8.70 -2.03 5.53
N LYS A 21 -9.38 -1.50 6.56
CA LYS A 21 -9.55 -2.13 7.89
C LYS A 21 -10.29 -3.48 7.81
N GLY A 22 -9.90 -4.43 8.68
CA GLY A 22 -10.47 -5.79 8.73
C GLY A 22 -11.82 -5.90 9.48
N PRO A 23 -12.54 -7.02 9.30
CA PRO A 23 -13.87 -7.24 9.90
C PRO A 23 -13.80 -7.68 11.37
N LYS A 24 -14.91 -7.48 12.11
CA LYS A 24 -15.11 -7.89 13.50
C LYS A 24 -14.89 -9.41 13.70
N GLY A 25 -14.27 -9.80 14.82
CA GLY A 25 -14.02 -11.19 15.20
C GLY A 25 -15.26 -11.97 15.67
N PRO A 26 -15.17 -13.31 15.77
CA PRO A 26 -16.30 -14.17 16.15
C PRO A 26 -16.63 -14.13 17.65
N LYS A 27 -17.87 -14.49 18.00
CA LYS A 27 -18.36 -14.60 19.39
C LYS A 27 -17.50 -15.57 20.21
N GLY A 28 -17.25 -15.23 21.48
CA GLY A 28 -16.38 -16.01 22.38
C GLY A 28 -16.91 -17.41 22.72
N PRO A 29 -16.02 -18.34 23.17
CA PRO A 29 -16.39 -19.72 23.50
C PRO A 29 -17.22 -19.81 24.78
N LYS A 30 -18.05 -20.86 24.87
CA LYS A 30 -19.02 -21.07 25.97
C LYS A 30 -19.09 -22.51 26.52
N GLY A 31 -18.20 -23.40 26.07
CA GLY A 31 -18.17 -24.82 26.45
C GLY A 31 -16.96 -25.58 25.87
N ASP B 2 13.94 20.82 -30.70
CA ASP B 2 14.00 20.10 -31.99
C ASP B 2 15.09 19.01 -32.15
N GLY B 4 16.12 16.35 -30.61
CA GLY B 4 15.78 14.96 -30.26
C GLY B 4 14.39 14.76 -29.66
N ASP B 5 13.98 13.49 -29.57
CA ASP B 5 12.64 13.07 -29.14
C ASP B 5 12.38 13.24 -27.62
N GLY B 7 11.55 12.07 -23.68
CA GLY B 7 12.02 11.01 -22.77
C GLY B 7 10.90 10.11 -22.24
N ASP B 8 11.28 8.94 -21.71
CA ASP B 8 10.37 7.88 -21.28
C ASP B 8 9.77 8.07 -19.87
N GLY B 10 8.75 7.26 -15.96
CA GLY B 10 9.41 6.61 -14.81
C GLY B 10 8.78 5.28 -14.40
N ASP B 11 9.45 4.56 -13.48
CA ASP B 11 8.98 3.28 -12.93
C ASP B 11 7.85 3.44 -11.88
N GLY B 13 5.54 3.32 -8.43
CA GLY B 13 5.72 3.40 -6.97
C GLY B 13 5.55 2.06 -6.25
N ASP B 14 6.08 2.01 -5.03
CA ASP B 14 6.00 0.85 -4.14
C ASP B 14 4.57 0.64 -3.57
N GLY B 16 1.33 0.14 -0.99
CA GLY B 16 0.91 0.60 0.34
C GLY B 16 1.04 -0.48 1.44
N ASP B 17 1.02 -0.05 2.70
CA ASP B 17 1.10 -0.94 3.86
C ASP B 17 -0.26 -1.60 4.20
N GLY B 19 -3.79 -2.88 5.88
CA GLY B 19 -4.88 -2.30 6.67
C GLY B 19 -4.85 -2.69 8.16
N ASP B 20 -5.56 -1.92 8.98
CA ASP B 20 -5.63 -2.14 10.42
C ASP B 20 -6.46 -3.39 10.80
N GLY B 22 -9.24 -5.87 12.58
CA GLY B 22 -10.64 -5.74 12.99
C GLY B 22 -10.85 -5.72 14.51
N ASP B 23 -12.07 -5.35 14.93
CA ASP B 23 -12.49 -5.27 16.34
C ASP B 23 -12.68 -6.67 16.97
N GLY B 25 -14.49 -9.80 18.87
CA GLY B 25 -15.85 -10.34 19.01
C GLY B 25 -16.47 -10.07 20.39
N ASP B 26 -17.79 -10.28 20.50
CA ASP B 26 -18.51 -10.20 21.78
C ASP B 26 -18.27 -11.44 22.67
N GLY B 28 -18.64 -14.84 25.11
CA GLY B 28 -19.46 -16.06 25.19
C GLY B 28 -20.66 -15.92 26.15
N ASP B 29 -21.58 -16.88 26.11
CA ASP B 29 -22.79 -16.90 26.96
C ASP B 29 -22.43 -16.97 28.47
N GLY B 31 -24.35 -18.06 31.01
CA GLY B 31 -24.97 -19.25 31.63
C GLY B 31 -26.49 -19.33 31.47
N PRO C 2 18.90 22.51 -26.09
CA PRO C 2 18.95 21.43 -27.08
C PRO C 2 18.20 20.12 -26.73
N GLY C 4 15.55 17.21 -26.01
CA GLY C 4 14.11 16.94 -26.10
C GLY C 4 13.42 16.95 -24.73
N PRO C 5 12.07 17.07 -24.66
CA PRO C 5 11.35 17.15 -23.39
C PRO C 5 11.50 15.92 -22.47
N GLY C 7 10.85 12.90 -19.70
CA GLY C 7 9.72 12.00 -19.46
C GLY C 7 8.98 12.25 -18.14
N PRO C 8 7.69 11.85 -18.04
CA PRO C 8 6.87 12.11 -16.86
C PRO C 8 7.19 11.15 -15.68
N GLY C 10 6.60 8.16 -12.95
CA GLY C 10 5.95 6.85 -13.03
C GLY C 10 4.59 6.80 -12.31
N PRO C 11 3.75 5.77 -12.59
CA PRO C 11 2.46 5.60 -11.93
C PRO C 11 2.54 5.37 -10.40
N GLY C 13 1.97 3.46 -6.79
CA GLY C 13 1.87 2.08 -6.32
C GLY C 13 0.43 1.67 -5.96
N PRO C 14 0.13 0.36 -5.88
CA PRO C 14 -1.22 -0.13 -5.57
C PRO C 14 -1.59 0.05 -4.09
N GLY C 16 -2.53 -1.03 -0.29
CA GLY C 16 -2.08 -2.13 0.58
C GLY C 16 -3.12 -3.25 0.75
N PRO C 17 -2.71 -4.45 1.19
CA PRO C 17 -3.65 -5.55 1.48
C PRO C 17 -4.64 -5.25 2.64
N GLY C 19 -6.62 -5.48 6.23
CA GLY C 19 -6.33 -5.88 7.60
C GLY C 19 -7.00 -7.22 7.97
N PRO C 20 -6.46 -7.97 8.94
CA PRO C 20 -6.98 -9.28 9.32
C PRO C 20 -8.30 -9.18 10.13
N GLY C 22 -10.64 -9.44 13.36
CA GLY C 22 -10.39 -9.20 14.78
C GLY C 22 -10.32 -10.49 15.62
N PRO C 23 -9.77 -10.44 16.85
CA PRO C 23 -9.71 -11.60 17.73
C PRO C 23 -11.09 -12.15 18.14
N GLY C 25 -14.00 -13.16 20.71
CA GLY C 25 -14.43 -12.53 21.95
C GLY C 25 -14.00 -13.28 23.21
N PRO C 26 -14.04 -12.64 24.40
CA PRO C 26 -13.68 -13.31 25.65
C PRO C 26 -14.57 -14.53 26.01
N GLY C 28 -17.03 -17.24 27.99
CA GLY C 28 -18.32 -16.98 28.65
C GLY C 28 -18.16 -16.78 30.17
N PRO C 29 -18.61 -15.64 30.74
CA PRO C 29 -18.52 -15.35 32.18
C PRO C 29 -19.08 -16.44 33.11
N GLY C 31 -21.20 -16.09 35.52
CA GLY C 31 -22.58 -15.75 35.89
C GLY C 31 -23.12 -14.45 35.29
N PRO A 2 28.70 15.22 -28.61
CA PRO A 2 28.41 16.55 -28.06
C PRO A 2 27.45 17.38 -28.94
N LYS A 3 27.20 16.96 -30.19
CA LYS A 3 26.21 17.53 -31.12
C LYS A 3 24.74 17.14 -30.81
N GLY A 4 24.50 16.30 -29.80
CA GLY A 4 23.16 15.87 -29.40
C GLY A 4 23.08 14.96 -28.15
N PRO A 5 23.71 15.30 -27.00
CA PRO A 5 23.75 14.44 -25.82
C PRO A 5 22.37 14.34 -25.12
N LYS A 6 21.68 13.21 -25.31
CA LYS A 6 20.35 12.92 -24.73
C LYS A 6 20.35 12.93 -23.19
N GLY A 7 19.25 13.41 -22.59
CA GLY A 7 19.06 13.45 -21.13
C GLY A 7 18.79 12.09 -20.49
N PRO A 8 19.04 11.93 -19.18
CA PRO A 8 18.84 10.68 -18.45
C PRO A 8 17.36 10.36 -18.17
N LYS A 9 17.08 9.07 -17.94
CA LYS A 9 15.77 8.56 -17.48
C LYS A 9 15.35 9.20 -16.15
N GLY A 10 14.06 9.50 -16.00
CA GLY A 10 13.49 10.18 -14.82
C GLY A 10 13.51 9.34 -13.53
N PRO A 11 13.25 9.98 -12.36
CA PRO A 11 13.29 9.32 -11.06
C PRO A 11 12.08 8.41 -10.80
N LYS A 12 12.26 7.44 -9.91
CA LYS A 12 11.21 6.51 -9.46
C LYS A 12 10.00 7.26 -8.87
N GLY A 13 8.79 6.82 -9.20
CA GLY A 13 7.53 7.43 -8.77
C GLY A 13 7.25 7.35 -7.25
N PRO A 14 6.24 8.09 -6.76
CA PRO A 14 5.92 8.16 -5.33
C PRO A 14 5.28 6.88 -4.80
N LYS A 15 5.57 6.55 -3.53
CA LYS A 15 4.99 5.42 -2.80
C LYS A 15 3.46 5.52 -2.73
N GLY A 16 2.77 4.38 -2.89
CA GLY A 16 1.30 4.31 -2.92
C GLY A 16 0.60 4.63 -1.59
N PRO A 17 -0.74 4.84 -1.59
CA PRO A 17 -1.53 5.16 -0.40
C PRO A 17 -1.76 3.92 0.49
N LYS A 18 -1.97 4.16 1.79
CA LYS A 18 -2.18 3.11 2.82
C LYS A 18 -3.42 2.23 2.57
N GLY A 19 -3.36 0.96 2.98
CA GLY A 19 -4.44 -0.03 2.83
C GLY A 19 -5.56 0.04 3.88
N PRO A 20 -6.65 -0.74 3.72
CA PRO A 20 -7.82 -0.72 4.60
C PRO A 20 -7.65 -1.52 5.91
N LYS A 21 -8.37 -1.12 6.97
CA LYS A 21 -8.40 -1.80 8.28
C LYS A 21 -8.84 -3.27 8.17
N GLY A 22 -8.24 -4.13 9.00
CA GLY A 22 -8.53 -5.57 9.04
C GLY A 22 -9.89 -5.95 9.68
N PRO A 23 -10.34 -7.21 9.50
CA PRO A 23 -11.63 -7.70 10.03
C PRO A 23 -11.58 -8.02 11.54
N LYS A 24 -12.75 -7.99 12.19
CA LYS A 24 -12.94 -8.30 13.63
C LYS A 24 -12.44 -9.72 13.99
N GLY A 25 -11.83 -9.86 15.17
CA GLY A 25 -11.31 -11.14 15.68
C GLY A 25 -12.38 -12.14 16.15
N PRO A 26 -12.00 -13.41 16.41
CA PRO A 26 -12.94 -14.47 16.80
C PRO A 26 -13.40 -14.36 18.26
N LYS A 27 -14.56 -14.92 18.56
CA LYS A 27 -15.14 -15.02 19.92
C LYS A 27 -14.18 -15.77 20.88
N GLY A 28 -14.10 -15.30 22.14
CA GLY A 28 -13.11 -15.74 23.13
C GLY A 28 -13.27 -17.17 23.67
N PRO A 29 -12.27 -17.67 24.43
CA PRO A 29 -12.26 -18.99 25.06
C PRO A 29 -13.07 -19.04 26.37
N LYS A 30 -13.17 -20.23 26.99
CA LYS A 30 -13.70 -20.42 28.35
C LYS A 30 -12.93 -21.49 29.14
N GLY A 31 -13.22 -21.62 30.44
CA GLY A 31 -12.59 -22.60 31.33
C GLY A 31 -13.19 -22.62 32.75
N ASP B 2 21.78 23.02 -31.03
CA ASP B 2 22.98 22.30 -30.57
C ASP B 2 22.76 21.32 -29.40
N GLY B 4 21.02 18.23 -27.00
CA GLY B 4 20.43 16.90 -27.26
C GLY B 4 18.95 16.75 -26.91
N ASP B 5 18.45 15.54 -27.13
CA ASP B 5 17.05 15.11 -26.93
C ASP B 5 16.66 14.94 -25.44
N GLY B 7 15.08 13.05 -21.99
CA GLY B 7 15.11 11.73 -21.36
C GLY B 7 13.73 11.07 -21.20
N ASP B 8 13.72 9.76 -20.97
CA ASP B 8 12.52 8.92 -20.84
C ASP B 8 11.86 8.97 -19.44
N GLY B 10 10.31 7.96 -15.71
CA GLY B 10 10.77 7.14 -14.59
C GLY B 10 9.98 5.85 -14.32
N ASP B 11 10.51 5.00 -13.45
CA ASP B 11 9.91 3.73 -13.04
C ASP B 11 8.76 3.90 -12.01
N GLY B 13 6.22 3.74 -8.69
CA GLY B 13 6.37 3.77 -7.23
C GLY B 13 6.18 2.43 -6.52
N ASP B 14 6.69 2.33 -5.29
CA ASP B 14 6.50 1.17 -4.41
C ASP B 14 5.07 1.08 -3.84
N GLY B 16 1.84 0.85 -1.22
CA GLY B 16 1.49 1.52 0.04
C GLY B 16 1.69 0.68 1.30
N ASP B 17 1.64 1.36 2.46
CA ASP B 17 1.73 0.74 3.77
C ASP B 17 0.50 -0.13 4.12
N GLY B 19 -2.82 -1.60 6.04
CA GLY B 19 -3.90 -1.10 6.91
C GLY B 19 -3.73 -1.47 8.39
N ASP B 20 -4.50 -0.82 9.26
CA ASP B 20 -4.47 -1.08 10.70
C ASP B 20 -5.09 -2.44 11.09
N GLY B 22 -7.49 -5.30 12.75
CA GLY B 22 -8.90 -5.44 13.13
C GLY B 22 -9.13 -5.36 14.64
N ASP B 23 -10.39 -5.16 15.04
CA ASP B 23 -10.77 -5.00 16.45
C ASP B 23 -10.93 -6.37 17.17
N GLY B 25 -12.37 -9.64 19.22
CA GLY B 25 -13.62 -10.39 19.31
C GLY B 25 -14.43 -10.14 20.61
N ASP B 26 -15.63 -10.70 20.69
CA ASP B 26 -16.49 -10.63 21.88
C ASP B 26 -16.13 -11.68 22.95
N GLY B 28 -16.04 -14.83 25.61
CA GLY B 28 -16.24 -16.25 25.29
C GLY B 28 -17.56 -16.86 25.76
N ASP B 29 -17.99 -17.90 25.04
CA ASP B 29 -19.26 -18.62 25.23
C ASP B 29 -19.23 -20.10 24.79
N GLY B 31 -16.25 -22.03 23.65
CA GLY B 31 -14.96 -22.61 24.06
C GLY B 31 -13.78 -22.11 23.20
N PRO C 2 23.25 17.49 -18.00
CA PRO C 2 22.82 17.11 -19.35
C PRO C 2 22.16 18.25 -20.17
N GLY C 4 20.49 17.83 -23.07
CA GLY C 4 19.16 17.23 -23.24
C GLY C 4 18.42 17.14 -21.89
N PRO C 5 17.18 17.65 -21.76
CA PRO C 5 16.49 17.71 -20.46
C PRO C 5 16.24 16.30 -19.86
N GLY C 7 14.29 13.15 -18.01
CA GLY C 7 12.91 12.64 -18.12
C GLY C 7 12.04 12.91 -16.88
N PRO C 8 10.70 12.83 -17.01
CA PRO C 8 9.75 13.11 -15.92
C PRO C 8 9.69 11.97 -14.87
N GLY C 10 8.28 8.85 -12.57
CA GLY C 10 7.43 7.69 -12.84
C GLY C 10 6.04 7.76 -12.17
N PRO C 11 5.08 6.89 -12.58
CA PRO C 11 3.74 6.85 -12.00
C PRO C 11 3.71 6.42 -10.51
N GLY C 13 2.83 4.30 -7.02
CA GLY C 13 2.62 2.90 -6.62
C GLY C 13 1.15 2.58 -6.26
N PRO C 14 0.78 1.29 -6.19
CA PRO C 14 -0.60 0.86 -5.90
C PRO C 14 -0.97 1.02 -4.41
N GLY C 16 -1.83 0.03 -0.60
CA GLY C 16 -1.29 -0.98 0.32
C GLY C 16 -2.28 -2.10 0.67
N PRO C 17 -1.79 -3.20 1.26
CA PRO C 17 -2.61 -4.38 1.57
C PRO C 17 -3.52 -4.17 2.80
N GLY C 19 -5.05 -4.62 6.57
CA GLY C 19 -4.56 -4.96 7.91
C GLY C 19 -4.95 -6.38 8.35
N PRO C 20 -4.28 -6.95 9.36
CA PRO C 20 -4.54 -8.32 9.82
C PRO C 20 -5.85 -8.45 10.61
N GLY C 22 -8.29 -9.05 13.79
CA GLY C 22 -8.17 -8.67 15.20
C GLY C 22 -7.88 -9.84 16.15
N PRO C 23 -7.41 -9.57 17.39
CA PRO C 23 -7.15 -10.61 18.38
C PRO C 23 -8.45 -11.34 18.85
N GLY C 25 -11.36 -12.56 21.36
CA GLY C 25 -12.06 -11.88 22.45
C GLY C 25 -11.63 -12.33 23.86
N PRO C 26 -11.99 -11.56 24.92
CA PRO C 26 -11.66 -11.93 26.29
C PRO C 26 -12.29 -13.26 26.76
N GLY C 28 -14.54 -16.04 28.71
CA GLY C 28 -15.90 -16.09 29.26
C GLY C 28 -16.00 -15.99 30.79
N PRO C 29 -15.14 -16.67 31.58
CA PRO C 29 -15.09 -16.53 33.04
C PRO C 29 -14.95 -15.07 33.55
N GLY C 31 -13.46 -11.89 35.70
CA GLY C 31 -12.09 -11.47 36.02
C GLY C 31 -11.69 -10.07 35.50
N PRO A 2 22.73 14.00 -38.95
CA PRO A 2 21.97 14.73 -37.92
C PRO A 2 22.05 14.07 -36.53
N LYS A 3 21.54 14.82 -35.52
CA LYS A 3 21.30 14.46 -34.10
C LYS A 3 22.46 13.81 -33.31
N GLY A 4 22.18 13.46 -32.04
CA GLY A 4 23.13 12.84 -31.12
C GLY A 4 22.51 12.29 -29.82
N PRO A 5 22.41 13.09 -28.73
CA PRO A 5 22.17 12.57 -27.37
C PRO A 5 20.73 12.14 -27.08
N LYS A 6 20.52 10.94 -26.52
CA LYS A 6 19.30 10.58 -25.79
C LYS A 6 19.24 11.28 -24.41
N GLY A 7 18.05 11.63 -23.93
CA GLY A 7 17.83 12.20 -22.59
C GLY A 7 17.87 11.17 -21.44
N PRO A 8 17.95 11.63 -20.17
CA PRO A 8 18.09 10.76 -18.99
C PRO A 8 16.76 10.12 -18.53
N LYS A 9 16.85 8.93 -17.94
CA LYS A 9 15.72 8.20 -17.32
C LYS A 9 15.08 8.99 -16.15
N GLY A 10 13.77 8.90 -16.00
CA GLY A 10 13.00 9.58 -14.96
C GLY A 10 13.09 8.95 -13.55
N PRO A 11 12.62 9.64 -12.50
CA PRO A 11 12.71 9.20 -11.10
C PRO A 11 11.72 8.07 -10.76
N LYS A 12 12.13 7.19 -9.83
CA LYS A 12 11.29 6.12 -9.24
C LYS A 12 10.07 6.70 -8.50
N GLY A 13 8.93 6.01 -8.59
CA GLY A 13 7.65 6.47 -8.06
C GLY A 13 7.48 6.35 -6.53
N PRO A 14 6.42 6.96 -5.96
CA PRO A 14 6.17 6.99 -4.51
C PRO A 14 5.58 5.68 -3.97
N LYS A 15 5.83 5.38 -2.69
CA LYS A 15 5.26 4.23 -1.97
C LYS A 15 3.71 4.26 -1.98
N GLY A 16 3.09 3.09 -2.16
CA GLY A 16 1.63 2.94 -2.23
C GLY A 16 0.88 3.21 -0.92
N PRO A 17 -0.46 3.36 -0.97
CA PRO A 17 -1.29 3.63 0.21
C PRO A 17 -1.52 2.37 1.08
N LYS A 18 -1.72 2.58 2.39
CA LYS A 18 -1.95 1.52 3.40
C LYS A 18 -3.22 0.69 3.12
N GLY A 19 -3.19 -0.59 3.50
CA GLY A 19 -4.32 -1.52 3.35
C GLY A 19 -5.46 -1.34 4.39
N PRO A 20 -6.63 -1.96 4.16
CA PRO A 20 -7.81 -1.84 5.04
C PRO A 20 -7.71 -2.71 6.31
N LYS A 21 -8.37 -2.27 7.39
CA LYS A 21 -8.48 -3.00 8.68
C LYS A 21 -9.13 -4.39 8.51
N GLY A 22 -8.65 -5.37 9.29
CA GLY A 22 -9.15 -6.76 9.28
C GLY A 22 -10.48 -6.99 10.02
N PRO A 23 -11.13 -8.15 9.82
CA PRO A 23 -12.43 -8.48 10.42
C PRO A 23 -12.32 -8.92 11.90
N LYS A 24 -13.40 -8.77 12.66
CA LYS A 24 -13.53 -9.19 14.07
C LYS A 24 -13.24 -10.69 14.27
N GLY A 25 -12.59 -11.03 15.39
CA GLY A 25 -12.24 -12.41 15.76
C GLY A 25 -13.44 -13.27 16.22
N PRO A 26 -13.27 -14.61 16.28
CA PRO A 26 -14.34 -15.55 16.67
C PRO A 26 -14.62 -15.56 18.18
N LYS A 27 -15.81 -16.03 18.57
CA LYS A 27 -16.23 -16.20 19.98
C LYS A 27 -15.28 -17.15 20.73
N GLY A 28 -15.00 -16.85 21.99
CA GLY A 28 -14.14 -17.66 22.86
C GLY A 28 -14.71 -19.04 23.23
N PRO A 29 -13.87 -19.95 23.75
CA PRO A 29 -14.27 -21.32 24.11
C PRO A 29 -15.23 -21.36 25.31
N LYS A 30 -16.00 -22.44 25.43
CA LYS A 30 -17.21 -22.56 26.29
C LYS A 30 -17.00 -22.25 27.78
N GLY A 31 -15.83 -22.57 28.32
CA GLY A 31 -15.42 -22.28 29.71
C GLY A 31 -14.80 -23.46 30.47
N ASP B 2 23.58 18.57 -32.19
CA ASP B 2 23.01 18.95 -30.90
C ASP B 2 21.59 18.40 -30.59
N GLY B 4 18.25 15.87 -30.09
CA GLY B 4 18.16 14.53 -29.51
C GLY B 4 16.82 14.15 -28.87
N ASP B 5 16.57 12.84 -28.75
CA ASP B 5 15.32 12.23 -28.29
C ASP B 5 15.14 12.14 -26.74
N GLY B 7 14.28 10.74 -22.76
CA GLY B 7 14.61 9.60 -21.89
C GLY B 7 13.41 8.73 -21.49
N ASP B 8 13.68 7.57 -20.89
CA ASP B 8 12.68 6.57 -20.48
C ASP B 8 11.95 6.89 -19.15
N GLY B 10 10.58 6.39 -15.25
CA GLY B 10 11.09 5.82 -14.00
C GLY B 10 10.37 4.53 -13.56
N ASP B 11 10.99 3.80 -12.62
CA ASP B 11 10.44 2.56 -12.05
C ASP B 11 9.23 2.79 -11.11
N GLY B 13 6.83 2.67 -7.72
CA GLY B 13 7.04 2.73 -6.27
C GLY B 13 6.81 1.39 -5.55
N ASP B 14 7.25 1.32 -4.28
CA ASP B 14 7.08 0.14 -3.42
C ASP B 14 5.64 -0.02 -2.91
N GLY B 16 2.27 -0.36 -0.53
CA GLY B 16 1.79 0.15 0.76
C GLY B 16 1.86 -0.90 1.89
N ASP B 17 1.79 -0.43 3.13
CA ASP B 17 1.90 -1.28 4.32
C ASP B 17 0.58 -2.03 4.64
N GLY B 19 -2.84 -3.38 6.45
CA GLY B 19 -3.89 -2.85 7.33
C GLY B 19 -3.77 -3.35 8.78
N ASP B 20 -4.46 -2.67 9.70
CA ASP B 20 -4.47 -3.03 11.12
C ASP B 20 -5.24 -4.33 11.42
N GLY B 22 -7.98 -6.88 13.08
CA GLY B 22 -9.37 -6.75 13.54
C GLY B 22 -9.52 -6.77 15.07
N ASP B 23 -10.71 -6.41 15.56
CA ASP B 23 -11.03 -6.40 16.99
C ASP B 23 -11.17 -7.82 17.60
N GLY B 25 -12.73 -11.11 19.52
CA GLY B 25 -14.03 -11.75 19.64
C GLY B 25 -14.68 -11.61 21.03
N ASP B 26 -15.95 -12.00 21.15
CA ASP B 26 -16.70 -11.98 22.42
C ASP B 26 -16.44 -13.22 23.30
N GLY B 28 -16.86 -16.69 25.71
CA GLY B 28 -17.73 -17.86 25.89
C GLY B 28 -18.73 -17.69 27.05
N ASP B 29 -19.69 -18.61 27.18
CA ASP B 29 -20.83 -18.46 28.11
C ASP B 29 -21.31 -19.72 28.88
N GLY B 31 -20.09 -22.56 30.18
CA GLY B 31 -19.23 -23.26 31.16
C GLY B 31 -19.56 -22.97 32.64
N PRO C 2 12.39 20.44 -27.00
CA PRO C 2 13.79 20.76 -26.73
C PRO C 2 14.72 19.53 -26.89
N GLY C 4 17.17 16.38 -26.10
CA GLY C 4 17.17 15.23 -25.16
C GLY C 4 16.67 15.46 -23.73
N PRO C 5 15.35 15.67 -23.52
CA PRO C 5 14.79 16.00 -22.20
C PRO C 5 14.68 14.76 -21.27
N GLY C 7 13.00 11.80 -18.94
CA GLY C 7 11.82 10.94 -19.02
C GLY C 7 10.79 11.19 -17.90
N PRO C 8 9.52 10.74 -18.05
CA PRO C 8 8.48 10.90 -17.03
C PRO C 8 8.70 10.11 -15.72
N GLY C 10 8.05 7.50 -12.52
CA GLY C 10 7.41 6.21 -12.27
C GLY C 10 6.10 6.33 -11.48
N PRO C 11 5.16 5.37 -11.61
CA PRO C 11 3.84 5.43 -10.96
C PRO C 11 3.88 5.09 -9.46
N GLY C 13 3.25 2.94 -6.09
CA GLY C 13 3.19 1.50 -5.76
C GLY C 13 1.76 0.99 -5.49
N PRO C 14 1.52 -0.33 -5.54
CA PRO C 14 0.20 -0.89 -5.26
C PRO C 14 -0.27 -0.68 -3.81
N GLY C 16 -1.52 -1.56 -0.02
CA GLY C 16 -1.18 -2.59 0.96
C GLY C 16 -2.29 -3.65 1.17
N PRO C 17 -1.95 -4.84 1.71
CA PRO C 17 -2.92 -5.93 1.92
C PRO C 17 -3.86 -5.67 3.12
N GLY C 19 -5.51 -6.14 6.78
CA GLY C 19 -5.08 -6.62 8.10
C GLY C 19 -5.67 -8.00 8.45
N PRO C 20 -5.05 -8.75 9.38
CA PRO C 20 -5.50 -10.10 9.75
C PRO C 20 -6.79 -10.08 10.58
N GLY C 22 -9.07 -10.52 13.84
CA GLY C 22 -8.81 -10.25 15.25
C GLY C 22 -8.61 -11.53 16.10
N PRO C 23 -8.03 -11.43 17.30
CA PRO C 23 -7.84 -12.58 18.18
C PRO C 23 -9.19 -13.19 18.64
N GLY C 25 -12.06 -14.45 21.23
CA GLY C 25 -12.52 -13.97 22.54
C GLY C 25 -12.02 -14.82 23.71
N PRO C 26 -12.12 -14.31 24.96
CA PRO C 26 -11.65 -15.03 26.14
C PRO C 26 -12.53 -16.25 26.47
N GLY C 28 -15.12 -18.73 28.43
CA GLY C 28 -16.29 -18.58 29.31
C GLY C 28 -15.98 -18.82 30.80
N PRO C 29 -16.94 -18.52 31.70
CA PRO C 29 -16.75 -18.63 33.14
C PRO C 29 -16.58 -20.10 33.61
N GLY C 31 -18.09 -21.57 36.11
CA GLY C 31 -19.37 -22.06 36.65
C GLY C 31 -20.49 -21.01 36.68
N PRO A 2 24.09 22.44 -31.49
CA PRO A 2 23.66 22.64 -30.09
C PRO A 2 22.41 21.81 -29.70
N LYS A 3 21.96 20.90 -30.58
CA LYS A 3 20.72 20.12 -30.45
C LYS A 3 20.85 18.73 -31.07
N GLY A 4 20.06 17.77 -30.56
CA GLY A 4 20.06 16.37 -30.91
C GLY A 4 19.95 15.36 -29.76
N PRO A 5 20.84 15.39 -28.73
CA PRO A 5 20.91 14.34 -27.72
C PRO A 5 19.64 14.17 -26.85
N LYS A 6 19.25 12.91 -26.67
CA LYS A 6 18.04 12.44 -25.99
C LYS A 6 18.02 12.77 -24.49
N GLY A 7 16.84 13.11 -23.95
CA GLY A 7 16.65 13.50 -22.56
C GLY A 7 16.74 12.36 -21.53
N PRO A 8 16.94 12.69 -20.23
CA PRO A 8 17.06 11.71 -19.15
C PRO A 8 15.73 11.11 -18.68
N LYS A 9 15.80 9.95 -18.03
CA LYS A 9 14.67 9.24 -17.39
C LYS A 9 13.97 10.09 -16.31
N GLY A 10 12.64 9.97 -16.21
CA GLY A 10 11.80 10.68 -15.24
C GLY A 10 11.84 10.12 -13.80
N PRO A 11 11.31 10.86 -12.81
CA PRO A 11 11.36 10.48 -11.40
C PRO A 11 10.36 9.37 -11.01
N LYS A 12 10.71 8.58 -9.99
CA LYS A 12 9.85 7.54 -9.37
C LYS A 12 8.57 8.14 -8.76
N GLY A 13 7.46 7.41 -8.86
CA GLY A 13 6.13 7.87 -8.43
C GLY A 13 5.87 7.82 -6.91
N PRO A 14 4.79 8.45 -6.43
CA PRO A 14 4.47 8.56 -5.00
C PRO A 14 3.85 7.28 -4.41
N LYS A 15 4.05 7.07 -3.11
CA LYS A 15 3.45 5.98 -2.32
C LYS A 15 1.91 6.03 -2.36
N GLY A 16 1.27 4.87 -2.45
CA GLY A 16 -0.20 4.73 -2.49
C GLY A 16 -0.93 5.08 -1.17
N PRO A 17 -2.26 5.25 -1.21
CA PRO A 17 -3.07 5.58 -0.03
C PRO A 17 -3.34 4.37 0.88
N LYS A 18 -3.59 4.61 2.18
CA LYS A 18 -3.84 3.58 3.20
C LYS A 18 -5.05 2.68 2.88
N GLY A 19 -4.99 1.41 3.29
CA GLY A 19 -6.03 0.39 3.06
C GLY A 19 -7.27 0.47 3.98
N PRO A 20 -8.31 -0.35 3.72
CA PRO A 20 -9.57 -0.37 4.47
C PRO A 20 -9.48 -1.19 5.78
N LYS A 21 -10.34 -0.87 6.77
CA LYS A 21 -10.42 -1.54 8.09
C LYS A 21 -10.59 -3.07 7.98
N GLY A 22 -9.94 -3.81 8.89
CA GLY A 22 -9.99 -5.28 8.95
C GLY A 22 -11.29 -5.89 9.52
N PRO A 23 -11.51 -7.20 9.35
CA PRO A 23 -12.70 -7.91 9.83
C PRO A 23 -12.63 -8.23 11.34
N LYS A 24 -13.81 -8.41 11.96
CA LYS A 24 -13.97 -8.81 13.37
C LYS A 24 -13.29 -10.17 13.65
N GLY A 25 -12.67 -10.30 14.83
CA GLY A 25 -12.00 -11.54 15.26
C GLY A 25 -12.96 -12.72 15.57
N PRO A 26 -12.45 -13.96 15.63
CA PRO A 26 -13.26 -15.15 15.88
C PRO A 26 -13.66 -15.31 17.36
N LYS A 27 -14.74 -16.08 17.61
CA LYS A 27 -15.19 -16.43 18.97
C LYS A 27 -14.11 -17.20 19.75
N GLY A 28 -14.05 -16.99 21.06
CA GLY A 28 -13.08 -17.63 21.95
C GLY A 28 -13.21 -19.16 22.09
N PRO A 29 -12.25 -19.84 22.74
CA PRO A 29 -12.23 -21.30 22.87
C PRO A 29 -13.37 -21.81 23.77
N LYS A 30 -14.06 -22.86 23.30
CA LYS A 30 -15.29 -23.43 23.89
C LYS A 30 -15.28 -24.95 24.10
N GLY A 31 -14.17 -25.61 23.79
CA GLY A 31 -14.02 -27.08 23.81
C GLY A 31 -12.60 -27.55 23.44
N ASP B 2 12.64 19.02 -31.85
CA ASP B 2 13.80 19.74 -32.39
C ASP B 2 15.03 19.82 -31.45
N GLY B 4 15.98 17.73 -28.98
CA GLY B 4 16.39 16.33 -28.84
C GLY B 4 15.19 15.41 -28.58
N ASP B 5 15.39 14.10 -28.69
CA ASP B 5 14.37 13.11 -28.40
C ASP B 5 13.95 13.09 -26.90
N GLY B 7 13.04 11.85 -23.06
CA GLY B 7 13.45 10.82 -22.10
C GLY B 7 12.32 9.86 -21.67
N ASP B 8 12.70 8.75 -21.04
CA ASP B 8 11.80 7.65 -20.67
C ASP B 8 10.99 7.89 -19.37
N GLY B 10 9.38 7.44 -15.57
CA GLY B 10 9.86 6.97 -14.26
C GLY B 10 9.17 5.70 -13.74
N ASP B 11 9.75 5.08 -12.69
CA ASP B 11 9.24 3.85 -12.06
C ASP B 11 7.97 4.08 -11.21
N GLY B 13 5.31 4.07 -8.02
CA GLY B 13 5.40 4.22 -6.56
C GLY B 13 5.08 2.94 -5.78
N ASP B 14 5.46 2.90 -4.50
CA ASP B 14 5.24 1.77 -3.59
C ASP B 14 3.77 1.67 -3.11
N GLY B 16 0.39 1.49 -0.70
CA GLY B 16 -0.08 2.05 0.57
C GLY B 16 0.07 1.09 1.76
N ASP B 17 0.01 1.65 2.97
CA ASP B 17 0.11 0.87 4.21
C ASP B 17 -1.21 0.13 4.54
N GLY B 19 -4.69 -1.22 6.28
CA GLY B 19 -5.80 -0.66 7.07
C GLY B 19 -5.67 -0.89 8.59
N ASP B 20 -6.56 -0.25 9.35
CA ASP B 20 -6.62 -0.40 10.80
C ASP B 20 -7.17 -1.78 11.22
N GLY B 22 -9.32 -4.90 12.80
CA GLY B 22 -10.74 -5.17 13.08
C GLY B 22 -11.07 -5.27 14.58
N ASP B 23 -12.38 -5.30 14.90
CA ASP B 23 -12.87 -5.38 16.28
C ASP B 23 -12.64 -6.77 16.94
N GLY B 25 -13.18 -10.40 18.80
CA GLY B 25 -14.17 -11.48 18.85
C GLY B 25 -14.81 -11.66 20.24
N ASP B 26 -15.99 -12.28 20.28
CA ASP B 26 -16.78 -12.51 21.50
C ASP B 26 -16.35 -13.75 22.32
N GLY B 28 -15.80 -17.25 24.73
CA GLY B 28 -15.85 -18.72 24.52
C GLY B 28 -16.97 -19.57 25.07
N ASP B 29 -17.94 -18.83 25.51
CA ASP B 29 -19.25 -19.23 26.04
C ASP B 29 -19.85 -20.44 25.24
N GLY B 31 -22.78 -21.32 24.72
CA GLY B 31 -24.06 -20.92 24.11
C GLY B 31 -24.04 -19.46 23.64
N PRO C 2 21.38 16.84 -21.22
CA PRO C 2 20.91 16.88 -22.61
C PRO C 2 19.88 18.00 -22.91
N GLY C 4 17.37 17.52 -25.19
CA GLY C 4 16.09 16.78 -25.25
C GLY C 4 15.38 16.74 -23.88
N PRO C 5 14.04 16.74 -23.83
CA PRO C 5 13.30 16.95 -22.59
C PRO C 5 13.33 15.71 -21.67
N GLY C 7 11.92 12.73 -19.16
CA GLY C 7 10.73 11.89 -19.18
C GLY C 7 9.69 12.21 -18.10
N PRO C 8 8.44 11.71 -18.24
CA PRO C 8 7.35 11.97 -17.30
C PRO C 8 7.51 11.20 -15.96
N GLY C 10 6.74 8.60 -12.86
CA GLY C 10 6.08 7.30 -12.65
C GLY C 10 4.72 7.45 -11.92
N PRO C 11 3.80 6.48 -12.09
CA PRO C 11 2.46 6.56 -11.51
C PRO C 11 2.43 6.32 -9.98
N GLY C 13 1.54 4.43 -6.47
CA GLY C 13 1.32 3.05 -6.01
C GLY C 13 -0.15 2.75 -5.69
N PRO C 14 -0.54 1.47 -5.60
CA PRO C 14 -1.93 1.06 -5.35
C PRO C 14 -2.38 1.32 -3.90
N GLY C 16 -3.47 0.44 -0.14
CA GLY C 16 -2.92 -0.53 0.80
C GLY C 16 -3.82 -1.76 1.04
N PRO C 17 -3.26 -2.88 1.55
CA PRO C 17 -4.05 -4.06 1.89
C PRO C 17 -5.07 -3.84 3.02
N GLY C 19 -6.80 -4.14 6.62
CA GLY C 19 -6.22 -4.22 7.96
C GLY C 19 -6.29 -5.63 8.56
N PRO C 20 -5.47 -5.92 9.59
CA PRO C 20 -5.47 -7.25 10.21
C PRO C 20 -6.81 -7.64 10.86
N GLY C 22 -9.29 -8.74 13.76
CA GLY C 22 -9.30 -8.40 15.18
C GLY C 22 -8.86 -9.57 16.09
N PRO C 23 -8.51 -9.31 17.36
CA PRO C 23 -8.10 -10.36 18.28
C PRO C 23 -9.20 -11.40 18.55
N GLY C 25 -11.68 -13.81 20.69
CA GLY C 25 -12.36 -13.63 21.97
C GLY C 25 -11.70 -14.40 23.12
N PRO C 26 -11.95 -13.99 24.39
CA PRO C 26 -11.39 -14.65 25.57
C PRO C 26 -12.03 -16.04 25.80
N GLY C 28 -14.24 -19.02 27.78
CA GLY C 28 -15.62 -18.96 28.28
C GLY C 28 -15.69 -18.53 29.77
N PRO C 29 -16.75 -17.81 30.18
CA PRO C 29 -16.91 -17.32 31.56
C PRO C 29 -16.74 -18.41 32.65
N GLY C 31 -18.49 -18.72 35.35
CA GLY C 31 -19.84 -19.03 35.84
C GLY C 31 -20.92 -18.18 35.16
N PRO A 2 20.19 19.18 -36.37
CA PRO A 2 19.59 17.97 -35.80
C PRO A 2 20.63 16.98 -35.23
N LYS A 3 20.14 15.87 -34.65
CA LYS A 3 20.93 14.82 -33.97
C LYS A 3 21.74 15.33 -32.76
N GLY A 4 21.31 16.45 -32.16
CA GLY A 4 21.78 16.98 -30.88
C GLY A 4 21.23 16.21 -29.66
N PRO A 5 21.40 16.74 -28.44
CA PRO A 5 21.09 16.03 -27.20
C PRO A 5 19.61 15.63 -27.05
N LYS A 6 19.40 14.37 -26.63
CA LYS A 6 18.12 13.77 -26.26
C LYS A 6 17.53 14.44 -25.01
N GLY A 7 16.20 14.60 -24.98
CA GLY A 7 15.47 15.22 -23.87
C GLY A 7 15.55 14.42 -22.55
N PRO A 8 15.36 15.08 -21.39
CA PRO A 8 15.48 14.43 -20.08
C PRO A 8 14.34 13.43 -19.79
N LYS A 9 14.68 12.38 -19.04
CA LYS A 9 13.73 11.41 -18.47
C LYS A 9 12.88 12.06 -17.36
N GLY A 10 11.61 11.69 -17.26
CA GLY A 10 10.71 12.22 -16.21
C GLY A 10 11.03 11.71 -14.78
N PRO A 11 10.57 12.40 -13.72
CA PRO A 11 10.80 12.00 -12.33
C PRO A 11 9.96 10.77 -11.91
N LYS A 12 10.39 10.11 -10.83
CA LYS A 12 9.67 9.02 -10.16
C LYS A 12 8.28 9.49 -9.67
N GLY A 13 7.27 8.64 -9.83
CA GLY A 13 5.88 8.91 -9.41
C GLY A 13 5.68 8.88 -7.87
N PRO A 14 4.57 9.43 -7.37
CA PRO A 14 4.29 9.51 -5.93
C PRO A 14 3.90 8.16 -5.32
N LYS A 15 4.18 7.98 -4.02
CA LYS A 15 3.77 6.83 -3.22
C LYS A 15 2.24 6.66 -3.22
N GLY A 16 1.76 5.41 -3.33
CA GLY A 16 0.33 5.08 -3.31
C GLY A 16 -0.36 5.31 -1.95
N PRO A 17 -1.70 5.41 -1.92
CA PRO A 17 -2.46 5.65 -0.69
C PRO A 17 -2.62 4.39 0.18
N LYS A 18 -2.74 4.58 1.49
CA LYS A 18 -2.94 3.52 2.50
C LYS A 18 -4.24 2.71 2.26
N GLY A 19 -4.21 1.42 2.59
CA GLY A 19 -5.37 0.51 2.47
C GLY A 19 -6.47 0.74 3.53
N PRO A 20 -7.70 0.20 3.32
CA PRO A 20 -8.83 0.36 4.23
C PRO A 20 -8.73 -0.53 5.48
N LYS A 21 -9.30 -0.06 6.61
CA LYS A 21 -9.40 -0.80 7.88
C LYS A 21 -10.28 -2.05 7.75
N GLY A 22 -9.92 -3.11 8.47
CA GLY A 22 -10.64 -4.41 8.44
C GLY A 22 -11.94 -4.46 9.27
N PRO A 23 -12.82 -5.46 9.02
CA PRO A 23 -14.11 -5.60 9.69
C PRO A 23 -14.02 -6.21 11.11
N LYS A 24 -15.06 -5.98 11.91
CA LYS A 24 -15.23 -6.55 13.26
C LYS A 24 -15.27 -8.08 13.27
N GLY A 25 -14.70 -8.70 14.30
CA GLY A 25 -14.69 -10.16 14.49
C GLY A 25 -16.03 -10.77 14.96
N PRO A 26 -16.19 -12.10 14.91
CA PRO A 26 -17.42 -12.80 15.30
C PRO A 26 -17.61 -12.89 16.83
N LYS A 27 -18.84 -13.11 17.28
CA LYS A 27 -19.20 -13.33 18.69
C LYS A 27 -18.42 -14.50 19.31
N GLY A 28 -18.11 -14.41 20.60
CA GLY A 28 -17.47 -15.47 21.38
C GLY A 28 -18.32 -16.76 21.52
N PRO A 29 -17.75 -17.82 22.13
CA PRO A 29 -18.36 -19.16 22.18
C PRO A 29 -19.71 -19.18 22.93
N LYS A 30 -20.71 -19.84 22.32
CA LYS A 30 -22.11 -19.90 22.79
C LYS A 30 -22.66 -21.33 22.64
N GLY A 31 -23.39 -21.81 23.65
CA GLY A 31 -24.02 -23.13 23.69
C GLY A 31 -24.22 -23.68 25.11
N ASP B 2 13.01 19.24 -34.17
CA ASP B 2 14.11 18.49 -34.81
C ASP B 2 15.51 18.52 -34.13
N GLY B 4 16.91 17.64 -31.35
CA GLY B 4 17.26 16.42 -30.61
C GLY B 4 16.06 15.49 -30.33
N ASP B 5 16.35 14.25 -29.94
CA ASP B 5 15.36 13.17 -29.74
C ASP B 5 14.51 13.34 -28.46
N GLY B 7 12.67 12.58 -24.77
CA GLY B 7 12.96 11.92 -23.49
C GLY B 7 11.87 10.94 -23.04
N ASP B 8 12.29 9.94 -22.27
CA ASP B 8 11.47 8.81 -21.81
C ASP B 8 10.59 9.10 -20.57
N GLY B 10 9.05 8.54 -16.68
CA GLY B 10 9.63 8.27 -15.36
C GLY B 10 9.23 6.91 -14.74
N ASP B 11 9.95 6.50 -13.69
CA ASP B 11 9.59 5.32 -12.86
C ASP B 11 8.27 5.39 -12.07
N GLY B 13 5.73 5.02 -8.88
CA GLY B 13 5.83 5.19 -7.41
C GLY B 13 5.72 3.88 -6.62
N ASP B 14 6.16 3.89 -5.36
CA ASP B 14 6.06 2.75 -4.45
C ASP B 14 4.62 2.53 -3.92
N GLY B 16 1.26 1.93 -1.46
CA GLY B 16 0.76 2.35 -0.15
C GLY B 16 0.85 1.25 0.91
N ASP B 17 0.79 1.64 2.18
CA ASP B 17 0.90 0.73 3.33
C ASP B 17 -0.42 0.00 3.65
N GLY B 19 -3.83 -1.42 5.48
CA GLY B 19 -4.87 -0.91 6.37
C GLY B 19 -4.78 -1.50 7.80
N ASP B 20 -5.43 -0.82 8.75
CA ASP B 20 -5.45 -1.22 10.16
C ASP B 20 -6.30 -2.48 10.45
N GLY B 22 -9.12 -4.96 12.20
CA GLY B 22 -10.49 -4.80 12.68
C GLY B 22 -10.67 -4.99 14.19
N ASP B 23 -11.84 -4.58 14.70
CA ASP B 23 -12.19 -4.63 16.12
C ASP B 23 -12.53 -6.06 16.62
N GLY B 25 -14.62 -9.11 18.34
CA GLY B 25 -16.04 -9.47 18.50
C GLY B 25 -16.56 -9.32 19.93
N ASP B 26 -17.90 -9.37 20.10
CA ASP B 26 -18.55 -9.31 21.41
C ASP B 26 -18.46 -10.62 22.21
N GLY B 28 -19.00 -14.14 24.40
CA GLY B 28 -19.82 -15.35 24.30
C GLY B 28 -20.90 -15.47 25.38
N ASP B 29 -21.75 -16.50 25.24
CA ASP B 29 -22.90 -16.77 26.11
C ASP B 29 -23.06 -18.28 26.47
N GLY B 31 -23.06 -21.88 28.92
CA GLY B 31 -23.57 -22.29 30.24
C GLY B 31 -23.79 -23.80 30.39
N PRO C 2 17.67 19.97 -23.21
CA PRO C 2 16.56 20.75 -23.77
C PRO C 2 16.36 20.79 -25.31
N GLY C 4 16.07 18.32 -27.26
CA GLY C 4 14.97 17.35 -27.43
C GLY C 4 13.91 17.49 -26.32
N PRO C 5 12.63 17.16 -26.59
CA PRO C 5 11.52 17.42 -25.65
C PRO C 5 11.58 16.48 -24.42
N GLY C 7 10.38 13.94 -21.27
CA GLY C 7 9.39 12.88 -21.04
C GLY C 7 8.48 13.13 -19.82
N PRO C 8 7.33 12.42 -19.73
CA PRO C 8 6.34 12.62 -18.66
C PRO C 8 6.76 11.97 -17.31
N GLY C 10 6.50 9.48 -13.95
CA GLY C 10 5.97 8.14 -13.67
C GLY C 10 4.63 8.17 -12.92
N PRO C 11 3.84 7.08 -12.98
CA PRO C 11 2.51 7.03 -12.37
C PRO C 11 2.55 6.86 -10.83
N GLY C 13 2.01 4.99 -7.26
CA GLY C 13 2.04 3.60 -6.81
C GLY C 13 0.64 3.03 -6.51
N PRO C 14 0.46 1.69 -6.50
CA PRO C 14 -0.82 1.07 -6.19
C PRO C 14 -1.28 1.32 -4.73
N GLY C 16 -2.52 0.43 -0.91
CA GLY C 16 -2.20 -0.63 0.05
C GLY C 16 -3.34 -1.65 0.25
N PRO C 17 -3.04 -2.85 0.77
CA PRO C 17 -4.04 -3.92 0.97
C PRO C 17 -4.98 -3.63 2.17
N GLY C 19 -6.72 -4.09 5.80
CA GLY C 19 -6.39 -4.64 7.11
C GLY C 19 -7.18 -5.94 7.42
N PRO C 20 -6.66 -6.83 8.28
CA PRO C 20 -7.29 -8.11 8.57
C PRO C 20 -8.57 -7.96 9.44
N GLY C 22 -10.94 -8.46 12.72
CA GLY C 22 -10.70 -8.57 14.16
C GLY C 22 -10.89 -9.99 14.71
N PRO C 23 -10.36 -10.29 15.92
CA PRO C 23 -10.43 -11.63 16.51
C PRO C 23 -11.86 -11.97 17.01
N GLY C 25 -14.69 -12.79 19.74
CA GLY C 25 -14.93 -12.27 21.09
C GLY C 25 -14.54 -13.24 22.21
N PRO C 26 -14.36 -12.76 23.45
CA PRO C 26 -13.89 -13.57 24.58
C PRO C 26 -14.98 -14.57 25.06
N GLY C 28 -17.67 -16.29 27.71
CA GLY C 28 -18.68 -15.74 28.64
C GLY C 28 -18.33 -15.97 30.13
N PRO C 29 -19.31 -15.76 31.04
CA PRO C 29 -19.13 -15.90 32.49
C PRO C 29 -18.46 -17.21 33.03
N GLY C 31 -15.82 -20.34 33.75
CA GLY C 31 -14.35 -20.44 33.85
C GLY C 31 -13.87 -21.38 34.97
N PRO A 2 25.22 16.09 -36.75
CA PRO A 2 24.49 17.35 -36.62
C PRO A 2 23.31 17.31 -35.63
N LYS A 3 22.97 16.13 -35.09
CA LYS A 3 21.86 15.89 -34.15
C LYS A 3 21.99 16.70 -32.85
N GLY A 4 20.84 17.00 -32.24
CA GLY A 4 20.72 17.71 -30.96
C GLY A 4 20.32 16.79 -29.78
N PRO A 5 19.96 17.37 -28.61
CA PRO A 5 19.83 16.64 -27.35
C PRO A 5 18.56 15.77 -27.27
N LYS A 6 18.69 14.58 -26.66
CA LYS A 6 17.58 13.90 -25.98
C LYS A 6 17.24 14.60 -24.65
N GLY A 7 15.96 14.75 -24.32
CA GLY A 7 15.53 15.34 -23.05
C GLY A 7 15.83 14.48 -21.81
N PRO A 8 15.91 15.07 -20.59
CA PRO A 8 16.18 14.35 -19.36
C PRO A 8 15.00 13.49 -18.87
N LYS A 9 15.31 12.41 -18.14
CA LYS A 9 14.34 11.52 -17.47
C LYS A 9 13.63 12.24 -16.31
N GLY A 10 12.34 11.96 -16.13
CA GLY A 10 11.50 12.58 -15.08
C GLY A 10 11.70 12.00 -13.66
N PRO A 11 11.22 12.70 -12.61
CA PRO A 11 11.38 12.30 -11.20
C PRO A 11 10.44 11.16 -10.78
N LYS A 12 10.84 10.42 -9.74
CA LYS A 12 10.04 9.38 -9.06
C LYS A 12 8.70 9.95 -8.53
N GLY A 13 7.63 9.16 -8.63
CA GLY A 13 6.29 9.52 -8.15
C GLY A 13 6.13 9.49 -6.61
N PRO A 14 5.06 10.08 -6.06
CA PRO A 14 4.82 10.15 -4.62
C PRO A 14 4.36 8.80 -4.02
N LYS A 15 4.66 8.59 -2.73
CA LYS A 15 4.17 7.44 -1.94
C LYS A 15 2.64 7.35 -1.98
N GLY A 16 2.09 6.14 -2.10
CA GLY A 16 0.64 5.90 -2.08
C GLY A 16 -0.05 6.19 -0.73
N PRO A 17 -1.40 6.30 -0.72
CA PRO A 17 -2.17 6.60 0.50
C PRO A 17 -2.32 5.38 1.43
N LYS A 18 -2.55 5.64 2.72
CA LYS A 18 -2.77 4.62 3.76
C LYS A 18 -3.95 3.68 3.45
N GLY A 19 -3.83 2.40 3.82
CA GLY A 19 -4.88 1.39 3.64
C GLY A 19 -6.10 1.55 4.56
N PRO A 20 -7.24 0.89 4.25
CA PRO A 20 -8.46 0.96 5.07
C PRO A 20 -8.39 0.11 6.35
N LYS A 21 -9.08 0.56 7.41
CA LYS A 21 -9.20 -0.14 8.71
C LYS A 21 -9.94 -1.49 8.57
N GLY A 22 -9.52 -2.49 9.36
CA GLY A 22 -10.08 -3.85 9.34
C GLY A 22 -11.44 -4.00 10.06
N PRO A 23 -12.19 -5.09 9.78
CA PRO A 23 -13.50 -5.36 10.38
C PRO A 23 -13.42 -5.90 11.83
N LYS A 24 -14.52 -5.73 12.58
CA LYS A 24 -14.71 -6.26 13.95
C LYS A 24 -14.63 -7.80 13.99
N GLY A 25 -14.09 -8.33 15.10
CA GLY A 25 -13.99 -9.79 15.34
C GLY A 25 -15.29 -10.46 15.81
N PRO A 26 -15.36 -11.81 15.78
CA PRO A 26 -16.56 -12.58 16.18
C PRO A 26 -16.76 -12.63 17.71
N LYS A 27 -17.99 -12.90 18.15
CA LYS A 27 -18.34 -13.07 19.58
C LYS A 27 -17.52 -14.19 20.24
N GLY A 28 -17.15 -13.99 21.50
CA GLY A 28 -16.38 -14.96 22.30
C GLY A 28 -17.12 -16.26 22.66
N PRO A 29 -16.40 -17.30 23.11
CA PRO A 29 -16.97 -18.61 23.45
C PRO A 29 -17.78 -18.58 24.76
N LYS A 30 -18.74 -19.51 24.88
CA LYS A 30 -19.72 -19.60 26.00
C LYS A 30 -19.71 -20.94 26.75
N GLY A 31 -18.93 -21.92 26.30
CA GLY A 31 -18.87 -23.28 26.85
C GLY A 31 -17.89 -24.20 26.11
N ASP B 2 19.70 21.43 -34.00
CA ASP B 2 18.30 21.84 -34.20
C ASP B 2 17.24 20.78 -33.84
N GLY B 4 15.58 17.24 -31.85
CA GLY B 4 15.73 16.48 -30.60
C GLY B 4 14.56 15.53 -30.27
N ASP B 5 14.88 14.43 -29.58
CA ASP B 5 13.97 13.50 -28.92
C ASP B 5 13.47 13.92 -27.51
N GLY B 7 12.46 13.13 -23.45
CA GLY B 7 12.99 12.31 -22.35
C GLY B 7 12.00 11.26 -21.80
N ASP B 8 12.52 10.31 -21.02
CA ASP B 8 11.77 9.17 -20.47
C ASP B 8 10.96 9.49 -19.19
N GLY B 10 9.47 9.11 -15.28
CA GLY B 10 9.99 8.70 -13.97
C GLY B 10 9.39 7.38 -13.43
N ASP B 11 10.03 6.85 -12.38
CA ASP B 11 9.64 5.59 -11.73
C ASP B 11 8.39 5.73 -10.83
N GLY B 13 5.91 5.60 -7.54
CA GLY B 13 6.07 5.73 -6.09
C GLY B 13 5.87 4.41 -5.33
N ASP B 14 6.34 4.36 -4.07
CA ASP B 14 6.19 3.19 -3.20
C ASP B 14 4.75 3.03 -2.67
N GLY B 16 1.51 2.65 -0.13
CA GLY B 16 1.10 3.23 1.16
C GLY B 16 1.24 2.31 2.36
N ASP B 17 1.17 2.89 3.56
CA ASP B 17 1.25 2.18 4.84
C ASP B 17 -0.02 1.35 5.13
N GLY B 19 -3.46 -0.21 6.76
CA GLY B 19 -4.60 0.21 7.58
C GLY B 19 -4.55 -0.34 9.01
N ASP B 20 -5.31 0.28 9.92
CA ASP B 20 -5.36 -0.11 11.32
C ASP B 20 -6.13 -1.43 11.57
N GLY B 22 -8.82 -4.11 13.16
CA GLY B 22 -10.22 -4.06 13.57
C GLY B 22 -10.45 -4.23 15.07
N ASP B 23 -11.67 -3.90 15.51
CA ASP B 23 -12.08 -3.94 16.92
C ASP B 23 -12.27 -5.39 17.45
N GLY B 25 -14.10 -8.57 19.16
CA GLY B 25 -15.47 -9.06 19.30
C GLY B 25 -16.03 -8.91 20.73
N ASP B 26 -17.36 -9.02 20.87
CA ASP B 26 -18.03 -8.96 22.16
C ASP B 26 -17.84 -10.24 23.00
N GLY B 28 -18.47 -13.70 25.25
CA GLY B 28 -19.43 -14.83 25.30
C GLY B 28 -20.59 -14.63 26.29
N ASP B 29 -21.64 -15.42 26.12
CA ASP B 29 -22.81 -15.41 27.01
C ASP B 29 -22.51 -16.08 28.38
N GLY B 31 -23.22 -18.33 31.91
CA GLY B 31 -23.73 -19.68 32.18
C GLY B 31 -23.54 -20.16 33.62
N PRO C 2 11.07 23.22 -26.50
CA PRO C 2 12.43 22.91 -26.94
C PRO C 2 12.48 21.66 -27.85
N GLY C 4 14.05 18.69 -27.57
CA GLY C 4 13.93 17.45 -26.79
C GLY C 4 13.52 17.72 -25.33
N PRO C 5 12.22 17.81 -25.01
CA PRO C 5 11.72 18.23 -23.70
C PRO C 5 11.91 17.16 -22.59
N GLY C 7 10.96 14.41 -19.66
CA GLY C 7 9.94 13.36 -19.55
C GLY C 7 8.92 13.59 -18.41
N PRO C 8 7.76 12.90 -18.42
CA PRO C 8 6.74 13.01 -17.37
C PRO C 8 7.20 12.49 -15.99
N GLY C 10 6.83 10.16 -12.55
CA GLY C 10 6.33 8.82 -12.26
C GLY C 10 4.93 8.82 -11.61
N PRO C 11 4.11 7.77 -11.81
CA PRO C 11 2.81 7.66 -11.14
C PRO C 11 2.87 7.53 -9.61
N GLY C 13 2.24 5.77 -5.99
CA GLY C 13 2.20 4.38 -5.53
C GLY C 13 0.77 3.87 -5.24
N PRO C 14 0.53 2.55 -5.23
CA PRO C 14 -0.77 1.98 -4.87
C PRO C 14 -1.18 2.24 -3.41
N GLY C 16 -2.17 1.42 0.45
CA GLY C 16 -1.64 0.45 1.41
C GLY C 16 -2.56 -0.76 1.64
N PRO C 17 -2.02 -1.87 2.19
CA PRO C 17 -2.82 -3.05 2.52
C PRO C 17 -3.94 -2.81 3.57
N GLY C 19 -6.16 -3.28 6.91
CA GLY C 19 -5.87 -3.68 8.29
C GLY C 19 -6.37 -5.10 8.60
N PRO C 20 -5.70 -5.85 9.50
CA PRO C 20 -6.18 -7.16 9.94
C PRO C 20 -7.55 -7.12 10.67
N GLY C 22 -10.23 -7.78 13.63
CA GLY C 22 -10.12 -7.81 15.10
C GLY C 22 -10.21 -9.24 15.68
N PRO C 23 -9.70 -9.47 16.90
CA PRO C 23 -9.68 -10.78 17.53
C PRO C 23 -11.10 -11.24 17.97
N GLY C 25 -13.90 -12.23 20.67
CA GLY C 25 -14.17 -11.73 22.02
C GLY C 25 -13.71 -12.70 23.13
N PRO C 26 -13.60 -12.23 24.39
CA PRO C 26 -13.15 -13.07 25.49
C PRO C 26 -14.20 -14.14 25.87
N GLY C 28 -17.03 -16.01 27.95
CA GLY C 28 -18.16 -15.34 28.61
C GLY C 28 -18.04 -15.32 30.14
N PRO C 29 -18.25 -14.15 30.79
CA PRO C 29 -18.12 -14.03 32.25
C PRO C 29 -19.28 -14.75 32.99
N GLY C 31 -21.61 -13.89 35.06
CA GLY C 31 -22.86 -13.13 35.25
C GLY C 31 -22.73 -11.64 34.90
N PRO A 2 19.21 22.15 -34.97
CA PRO A 2 18.68 21.01 -35.74
C PRO A 2 19.06 19.61 -35.20
N LYS A 3 20.17 19.51 -34.46
CA LYS A 3 20.61 18.29 -33.74
C LYS A 3 21.13 18.65 -32.34
N GLY A 4 20.88 17.75 -31.39
CA GLY A 4 21.28 17.86 -29.98
C GLY A 4 20.92 16.59 -29.20
N PRO A 5 21.45 16.43 -27.97
CA PRO A 5 21.53 15.14 -27.28
C PRO A 5 20.16 14.50 -26.96
N LYS A 6 20.12 13.16 -26.90
CA LYS A 6 19.01 12.40 -26.29
C LYS A 6 18.79 12.85 -24.84
N GLY A 7 17.54 12.92 -24.40
CA GLY A 7 17.20 13.23 -23.01
C GLY A 7 17.38 12.03 -22.06
N PRO A 8 17.75 12.25 -20.79
CA PRO A 8 17.88 11.18 -19.79
C PRO A 8 16.52 10.62 -19.32
N LYS A 9 16.54 9.42 -18.74
CA LYS A 9 15.37 8.78 -18.10
C LYS A 9 14.80 9.66 -16.97
N GLY A 10 13.47 9.70 -16.85
CA GLY A 10 12.77 10.41 -15.76
C GLY A 10 12.86 9.75 -14.37
N PRO A 11 12.44 10.45 -13.30
CA PRO A 11 12.54 9.98 -11.92
C PRO A 11 11.47 8.93 -11.55
N LYS A 12 11.77 8.12 -10.53
CA LYS A 12 10.86 7.14 -9.92
C LYS A 12 9.57 7.81 -9.39
N GLY A 13 8.43 7.12 -9.54
CA GLY A 13 7.11 7.61 -9.13
C GLY A 13 6.85 7.63 -7.61
N PRO A 14 5.75 8.27 -7.17
CA PRO A 14 5.40 8.40 -5.74
C PRO A 14 4.86 7.10 -5.12
N LYS A 15 5.11 6.91 -3.82
CA LYS A 15 4.59 5.79 -3.02
C LYS A 15 3.05 5.77 -3.00
N GLY A 16 2.46 4.57 -3.08
CA GLY A 16 1.00 4.39 -3.08
C GLY A 16 0.29 4.72 -1.75
N PRO A 17 -1.05 4.87 -1.76
CA PRO A 17 -1.84 5.16 -0.55
C PRO A 17 -2.05 3.91 0.32
N LYS A 18 -2.23 4.11 1.63
CA LYS A 18 -2.46 3.05 2.64
C LYS A 18 -3.68 2.16 2.31
N GLY A 19 -3.60 0.87 2.66
CA GLY A 19 -4.67 -0.12 2.45
C GLY A 19 -5.86 -0.05 3.43
N PRO A 20 -6.92 -0.86 3.20
CA PRO A 20 -8.17 -0.88 3.99
C PRO A 20 -8.08 -1.67 5.31
N LYS A 21 -8.94 -1.33 6.28
CA LYS A 21 -9.05 -2.01 7.59
C LYS A 21 -9.39 -3.50 7.45
N GLY A 22 -8.83 -4.34 8.33
CA GLY A 22 -9.07 -5.79 8.39
C GLY A 22 -10.44 -6.20 8.98
N PRO A 23 -10.89 -7.45 8.74
CA PRO A 23 -12.18 -7.94 9.24
C PRO A 23 -12.14 -8.33 10.73
N LYS A 24 -13.30 -8.34 11.38
CA LYS A 24 -13.50 -8.73 12.79
C LYS A 24 -13.15 -10.22 13.02
N GLY A 25 -12.64 -10.55 14.21
CA GLY A 25 -12.33 -11.92 14.63
C GLY A 25 -13.56 -12.76 15.05
N PRO A 26 -13.44 -14.10 15.14
CA PRO A 26 -14.54 -15.00 15.49
C PRO A 26 -14.86 -15.01 17.00
N LYS A 27 -16.07 -15.44 17.36
CA LYS A 27 -16.52 -15.65 18.75
C LYS A 27 -15.60 -16.60 19.53
N GLY A 28 -15.42 -16.35 20.83
CA GLY A 28 -14.58 -17.15 21.72
C GLY A 28 -15.07 -18.60 21.98
N PRO A 29 -14.27 -19.42 22.68
CA PRO A 29 -14.59 -20.83 22.98
C PRO A 29 -15.95 -21.02 23.70
N LYS A 30 -16.70 -22.05 23.28
CA LYS A 30 -18.05 -22.37 23.79
C LYS A 30 -18.11 -23.64 24.65
N GLY A 31 -17.03 -24.42 24.71
CA GLY A 31 -16.83 -25.54 25.64
C GLY A 31 -16.03 -26.73 25.06
N ASP B 2 25.75 12.98 -27.93
CA ASP B 2 25.06 11.83 -28.50
C ASP B 2 23.63 12.22 -28.98
N GLY B 4 19.87 12.89 -30.22
CA GLY B 4 18.68 12.07 -30.20
C GLY B 4 17.40 12.63 -29.56
N ASP B 5 16.43 11.73 -29.44
CA ASP B 5 15.03 11.91 -29.04
C ASP B 5 14.80 12.35 -27.56
N GLY B 7 13.68 11.88 -23.63
CA GLY B 7 14.01 10.84 -22.67
C GLY B 7 12.83 9.95 -22.25
N ASP B 8 13.15 8.76 -21.73
CA ASP B 8 12.21 7.70 -21.39
C ASP B 8 11.53 7.88 -20.01
N GLY B 10 10.14 7.27 -16.11
CA GLY B 10 10.67 6.71 -14.86
C GLY B 10 9.97 5.42 -14.38
N ASP B 11 10.57 4.79 -13.37
CA ASP B 11 10.09 3.54 -12.75
C ASP B 11 8.85 3.76 -11.85
N GLY B 13 6.40 3.84 -8.58
CA GLY B 13 6.56 3.97 -7.13
C GLY B 13 6.28 2.66 -6.36
N ASP B 14 6.75 2.59 -5.12
CA ASP B 14 6.52 1.45 -4.23
C ASP B 14 5.06 1.39 -3.70
N GLY B 16 1.67 1.19 -1.25
CA GLY B 16 1.24 1.71 0.04
C GLY B 16 1.45 0.73 1.21
N ASP B 17 1.42 1.26 2.44
CA ASP B 17 1.57 0.47 3.65
C ASP B 17 0.27 -0.28 4.02
N GLY B 19 -3.18 -1.66 5.73
CA GLY B 19 -4.32 -1.18 6.50
C GLY B 19 -4.33 -1.60 7.96
N ASP B 20 -5.23 -1.00 8.74
CA ASP B 20 -5.29 -1.17 10.19
C ASP B 20 -5.86 -2.53 10.62
N GLY B 22 -8.09 -5.52 12.26
CA GLY B 22 -9.51 -5.75 12.56
C GLY B 22 -9.81 -5.86 14.06
N ASP B 23 -11.08 -5.70 14.44
CA ASP B 23 -11.54 -5.75 15.83
C ASP B 23 -11.56 -7.18 16.43
N GLY B 25 -12.96 -10.54 18.31
CA GLY B 25 -14.24 -11.25 18.40
C GLY B 25 -14.94 -11.09 19.75
N ASP B 26 -16.25 -11.38 19.79
CA ASP B 26 -17.05 -11.33 21.01
C ASP B 26 -16.74 -12.51 21.98
N GLY B 28 -16.90 -15.85 24.32
CA GLY B 28 -17.51 -17.18 24.26
C GLY B 28 -18.64 -17.41 25.28
N ASP B 29 -19.27 -18.58 25.20
CA ASP B 29 -20.48 -18.93 25.99
C ASP B 29 -20.41 -20.33 26.67
N GLY B 31 -20.37 -23.08 30.08
CA GLY B 31 -21.35 -23.36 31.15
C GLY B 31 -20.76 -23.92 32.45
N PRO C 2 13.40 17.19 -32.47
CA PRO C 2 14.03 18.21 -31.63
C PRO C 2 15.08 17.62 -30.67
N GLY C 4 16.40 16.35 -27.31
CA GLY C 4 15.55 15.66 -26.32
C GLY C 4 15.65 16.22 -24.88
N PRO C 5 14.52 16.60 -24.24
CA PRO C 5 14.46 16.91 -22.80
C PRO C 5 14.38 15.62 -21.94
N GLY C 7 12.90 12.66 -19.53
CA GLY C 7 11.65 11.89 -19.55
C GLY C 7 10.69 12.20 -18.39
N PRO C 8 9.41 11.80 -18.50
CA PRO C 8 8.37 12.06 -17.50
C PRO C 8 8.55 11.20 -16.22
N GLY C 10 7.74 8.43 -13.28
CA GLY C 10 7.09 7.11 -13.26
C GLY C 10 5.68 7.12 -12.64
N PRO C 11 4.86 6.09 -12.89
CA PRO C 11 3.53 5.96 -12.28
C PRO C 11 3.49 5.84 -10.74
N GLY C 13 2.64 4.19 -7.10
CA GLY C 13 2.48 2.85 -6.54
C GLY C 13 1.02 2.48 -6.26
N PRO C 14 0.68 1.18 -6.20
CA PRO C 14 -0.70 0.73 -5.96
C PRO C 14 -1.14 0.93 -4.48
N GLY C 16 -2.13 -0.03 -0.73
CA GLY C 16 -1.51 -0.97 0.19
C GLY C 16 -2.36 -2.23 0.49
N PRO C 17 -1.74 -3.28 1.08
CA PRO C 17 -2.45 -4.48 1.50
C PRO C 17 -3.55 -4.26 2.59
N GLY C 19 -5.44 -4.73 6.15
CA GLY C 19 -5.05 -5.05 7.53
C GLY C 19 -5.41 -6.48 7.94
N PRO C 20 -4.75 -7.04 8.97
CA PRO C 20 -4.97 -8.44 9.38
C PRO C 20 -6.33 -8.66 10.05
N GLY C 22 -8.93 -9.59 12.99
CA GLY C 22 -8.92 -9.48 14.45
C GLY C 22 -8.78 -10.83 15.17
N PRO C 23 -8.34 -10.86 16.44
CA PRO C 23 -8.16 -12.09 17.20
C PRO C 23 -9.50 -12.75 17.59
N GLY C 25 -12.32 -14.09 20.12
CA GLY C 25 -12.82 -13.55 21.39
C GLY C 25 -12.34 -14.32 22.63
N PRO C 26 -12.40 -13.72 23.83
CA PRO C 26 -11.97 -14.35 25.07
C PRO C 26 -12.92 -15.49 25.51
N GLY C 28 -15.68 -17.05 27.99
CA GLY C 28 -16.78 -16.46 28.75
C GLY C 28 -16.63 -16.66 30.27
N PRO C 29 -17.56 -16.11 31.08
CA PRO C 29 -17.58 -16.34 32.53
C PRO C 29 -17.90 -17.82 32.86
N GLY C 31 -20.07 -19.23 34.81
CA GLY C 31 -21.50 -19.54 34.90
C GLY C 31 -22.38 -18.38 35.42
#